data_6M55
#
_entry.id   6M55
#
_cell.length_a   184.686
_cell.length_b   67.116
_cell.length_c   117.585
_cell.angle_alpha   90.000
_cell.angle_beta   128.540
_cell.angle_gamma   90.000
#
_symmetry.space_group_name_H-M   'C 1 2 1'
#
loop_
_entity.id
_entity.type
_entity.pdbx_description
1 polymer 'Beta-galactosidase-like enzyme'
2 branched beta-D-galactopyranose-(1-4)-beta-D-galactopyranose-(1-4)-alpha-D-glucopyranose
3 branched 2-acetamido-2-deoxy-beta-D-glucopyranose-(1-4)-2-acetamido-2-deoxy-beta-D-glucopyranose
4 non-polymer alpha-D-mannopyranose
5 non-polymer 2-acetamido-2-deoxy-beta-D-glucopyranose
6 water water
#
_entity_poly.entity_id   1
_entity_poly.type   'polypeptide(L)'
_entity_poly.pdbx_seq_one_letter_code
;GTAELDALWNLVEAQYPVQTAAVTTLVTVPDDYKFEADPPSYALAGYETSEIAGLKFPKGFKFGVAGAAIQVEGAAKAEG
RGPSTWDYLCHHYASTQCNNYDPDITTNHYYLYPLDFARLQHLGINTYSFSISWTRIYPLGAGYVNEAGLAHYDAVIHSA
KKYGLEPVGTVFHWDTPLSLMLKYGAWQDTGDQIVKDFVTYATTVFKRYGNEVKTWFTFNEPRVFCSQNSGLPYNLTYPE
GINSTSAVFRCTYNVLKAHGHAVKVYRDLVASGTIAAGEIGFKSDDNYPIPARPGNADDEESAKRHEAFRIGIFAQPVYG
NGDYPDVVKETVGDMLPALTDEDKGYIKGSGDIFAIDGYRTDISHAALNGIANCIRNQSDPNWPVCEEGSDPFAHVYPSG
FAIGQSADPLSSWLVNSAPFIRDQLKFLTQTYPAKGGIYFSAFGWAEDAEYDRQLLYQITWDGLRTQYLTDYLSQLLLAV
HKDGINLRGALTWSFVDNWEWGLGMQQKFGFQFVNQSDPDLTRTFKLSAHAYAQFGRNHLHH
;
_entity_poly.pdbx_strand_id   A,D
#
# COMPACT_ATOMS: atom_id res chain seq x y z
N GLY A 1 39.43 -28.82 -11.98
CA GLY A 1 38.58 -28.93 -10.81
C GLY A 1 38.57 -30.31 -10.17
N THR A 2 38.15 -30.31 -8.91
CA THR A 2 38.03 -31.50 -8.10
C THR A 2 36.76 -32.22 -8.52
N ALA A 3 36.84 -33.55 -8.61
CA ALA A 3 35.71 -34.32 -9.11
C ALA A 3 34.53 -34.30 -8.16
N GLU A 4 34.76 -34.33 -6.84
CA GLU A 4 33.60 -34.33 -5.93
C GLU A 4 32.82 -33.02 -6.09
N LEU A 5 33.51 -31.93 -6.40
CA LEU A 5 32.81 -30.67 -6.63
C LEU A 5 31.92 -30.76 -7.86
N ASP A 6 32.48 -31.28 -8.96
CA ASP A 6 31.73 -31.45 -10.19
C ASP A 6 30.51 -32.35 -9.98
N ALA A 7 30.68 -33.45 -9.23
CA ALA A 7 29.57 -34.35 -8.92
C ALA A 7 28.43 -33.62 -8.20
N LEU A 8 28.75 -32.71 -7.27
CA LEU A 8 27.72 -32.00 -6.52
C LEU A 8 26.93 -31.05 -7.42
N TRP A 9 27.61 -30.33 -8.30
CA TRP A 9 26.91 -29.42 -9.19
C TRP A 9 26.15 -30.16 -10.28
N ASN A 10 26.68 -31.30 -10.75
CA ASN A 10 25.92 -32.18 -11.63
C ASN A 10 24.65 -32.65 -10.95
N LEU A 11 24.76 -33.06 -9.70
CA LEU A 11 23.59 -33.44 -8.91
C LEU A 11 22.55 -32.33 -8.86
N VAL A 12 22.96 -31.14 -8.46
CA VAL A 12 22.04 -30.02 -8.32
C VAL A 12 21.36 -29.70 -9.66
N GLU A 13 22.13 -29.68 -10.75
CA GLU A 13 21.64 -29.27 -12.06
C GLU A 13 21.03 -30.40 -12.88
N ALA A 14 20.62 -31.48 -12.22
CA ALA A 14 20.13 -32.66 -12.94
C ALA A 14 18.81 -32.36 -13.66
N GLN A 15 17.96 -31.53 -13.03
CA GLN A 15 16.70 -31.10 -13.63
C GLN A 15 16.84 -29.81 -14.45
N TYR A 16 17.60 -28.81 -13.97
CA TYR A 16 17.86 -27.66 -14.84
C TYR A 16 19.18 -27.04 -14.42
N PRO A 17 19.95 -26.50 -15.37
CA PRO A 17 21.30 -26.06 -15.05
C PRO A 17 21.30 -24.68 -14.43
N VAL A 18 22.42 -24.33 -13.78
CA VAL A 18 22.57 -22.97 -13.29
C VAL A 18 22.61 -22.01 -14.47
N GLN A 19 21.75 -20.98 -14.39
CA GLN A 19 21.70 -19.90 -15.35
C GLN A 19 22.82 -18.90 -15.09
N THR A 20 23.32 -18.34 -16.17
CA THR A 20 24.45 -17.41 -16.20
C THR A 20 23.88 -16.02 -16.52
N ALA A 21 24.29 -15.00 -15.77
CA ALA A 21 23.79 -13.63 -15.91
C ALA A 21 24.18 -13.04 -17.26
N ALA A 22 23.51 -11.96 -17.58
CA ALA A 22 23.72 -11.26 -18.79
C ALA A 22 25.14 -10.99 -18.81
N VAL A 23 25.58 -10.17 -17.86
CA VAL A 23 26.97 -9.76 -17.72
C VAL A 23 27.74 -10.39 -16.56
N THR A 24 28.89 -10.97 -16.84
CA THR A 24 29.76 -11.64 -15.90
C THR A 24 31.19 -11.12 -15.98
N THR A 25 31.40 -9.87 -15.57
CA THR A 25 32.71 -9.31 -15.58
C THR A 25 32.78 -8.20 -14.63
N LEU A 26 33.44 -8.32 -13.51
CA LEU A 26 33.51 -7.13 -12.67
C LEU A 26 33.32 -5.87 -13.51
N VAL A 27 32.20 -5.18 -13.25
CA VAL A 27 31.86 -3.87 -13.83
C VAL A 27 32.79 -2.78 -13.30
N THR A 28 33.00 -1.74 -14.11
CA THR A 28 33.73 -0.57 -13.64
C THR A 28 32.80 0.62 -13.55
N VAL A 29 32.96 1.44 -12.50
CA VAL A 29 32.07 2.58 -12.25
C VAL A 29 32.70 3.77 -12.95
N PRO A 30 32.08 4.30 -14.01
CA PRO A 30 32.65 5.50 -14.63
C PRO A 30 32.61 6.63 -13.64
N ASP A 31 33.66 7.45 -13.63
CA ASP A 31 33.67 8.57 -12.71
C ASP A 31 32.52 9.53 -12.96
N ASP A 32 31.98 9.54 -14.16
CA ASP A 32 30.87 10.41 -14.46
C ASP A 32 29.50 9.75 -14.29
N TYR A 33 29.37 8.69 -13.48
CA TYR A 33 28.07 8.01 -13.36
C TYR A 33 27.00 9.00 -12.90
N LYS A 34 25.92 9.03 -13.66
CA LYS A 34 24.80 9.93 -13.43
C LYS A 34 23.68 9.20 -12.71
N PHE A 35 23.38 9.65 -11.50
CA PHE A 35 22.28 9.11 -10.74
C PHE A 35 20.97 9.66 -11.27
N GLU A 36 19.89 8.89 -11.09
CA GLU A 36 18.61 9.42 -11.50
C GLU A 36 18.29 10.62 -10.62
N ALA A 37 17.43 11.49 -11.13
CA ALA A 37 17.19 12.73 -10.42
C ALA A 37 16.43 12.48 -9.13
N ASP A 38 16.57 13.44 -8.20
CA ASP A 38 15.90 13.43 -6.91
C ASP A 38 14.37 13.50 -7.07
N PRO A 39 13.64 12.99 -6.08
CA PRO A 39 12.17 13.11 -6.10
C PRO A 39 11.74 14.54 -5.84
N PRO A 40 10.43 14.84 -5.97
CA PRO A 40 9.99 16.20 -5.66
C PRO A 40 10.36 16.54 -4.24
N SER A 41 10.75 17.79 -4.04
CA SER A 41 11.21 18.19 -2.71
C SER A 41 10.13 18.02 -1.65
N TYR A 42 8.85 18.09 -2.05
CA TYR A 42 7.70 17.93 -1.17
C TYR A 42 7.43 16.47 -0.79
N ALA A 43 8.05 15.52 -1.51
CA ALA A 43 7.75 14.11 -1.30
C ALA A 43 8.05 13.64 0.11
N LEU A 44 9.09 14.18 0.72
CA LEU A 44 9.53 13.80 2.06
C LEU A 44 8.79 14.57 3.15
N ALA A 45 7.88 15.46 2.76
CA ALA A 45 7.13 16.27 3.71
C ALA A 45 6.31 15.45 4.68
N GLY A 46 6.35 15.91 5.92
CA GLY A 46 5.70 15.39 7.11
C GLY A 46 5.85 13.94 7.48
N TYR A 47 7.02 13.38 7.21
CA TYR A 47 7.29 12.00 7.52
C TYR A 47 7.87 11.93 8.84
N GLU A 48 8.66 12.93 9.12
CA GLU A 48 9.28 13.11 10.42
C GLU A 48 8.27 13.71 11.40
N THR A 49 8.44 13.34 12.65
CA THR A 49 7.74 13.96 13.76
C THR A 49 8.60 15.13 14.27
N SER A 50 7.95 16.16 14.83
CA SER A 50 8.73 17.25 15.40
C SER A 50 9.48 16.79 16.64
N GLU A 51 9.08 15.67 17.21
CA GLU A 51 9.62 15.14 18.43
C GLU A 51 11.10 14.78 18.36
N ILE A 52 11.72 14.76 17.18
CA ILE A 52 13.11 14.36 17.04
C ILE A 52 14.00 15.48 16.54
N ALA A 53 13.47 16.69 16.43
CA ALA A 53 14.26 17.81 15.94
C ALA A 53 15.56 18.01 16.70
N GLY A 54 16.66 18.16 15.93
CA GLY A 54 17.97 18.41 16.50
C GLY A 54 18.68 17.23 17.11
N LEU A 55 18.02 16.09 17.20
CA LEU A 55 18.62 14.97 17.88
C LEU A 55 19.55 14.31 16.91
N LYS A 56 20.68 13.87 17.41
CA LYS A 56 21.67 13.20 16.62
C LYS A 56 21.94 11.83 17.24
N PHE A 57 22.19 10.86 16.39
CA PHE A 57 22.72 9.60 16.84
C PHE A 57 24.11 9.81 17.42
N PRO A 58 24.57 8.88 18.26
CA PRO A 58 25.93 9.02 18.80
C PRO A 58 26.98 9.05 17.71
N LYS A 59 28.10 9.72 18.03
CA LYS A 59 29.26 9.71 17.16
C LYS A 59 29.61 8.26 16.88
N GLY A 60 29.87 7.97 15.61
CA GLY A 60 30.20 6.62 15.19
C GLY A 60 29.01 5.73 14.93
N PHE A 61 27.79 6.21 15.08
CA PHE A 61 26.62 5.38 14.87
C PHE A 61 26.65 4.77 13.48
N LYS A 62 26.45 3.46 13.41
CA LYS A 62 26.46 2.73 12.14
C LYS A 62 25.10 2.86 11.44
N PHE A 63 25.07 3.64 10.40
CA PHE A 63 23.86 3.93 9.67
C PHE A 63 23.99 3.29 8.29
N GLY A 64 23.33 2.14 8.07
CA GLY A 64 23.70 1.31 6.95
C GLY A 64 22.57 0.44 6.45
N VAL A 65 22.91 -0.55 5.62
CA VAL A 65 22.01 -1.44 4.90
C VAL A 65 22.51 -2.88 5.10
N ALA A 66 21.63 -3.85 4.84
CA ALA A 66 21.97 -5.25 5.01
C ALA A 66 21.62 -6.04 3.75
N GLY A 67 22.50 -7.01 3.43
CA GLY A 67 22.24 -8.02 2.43
C GLY A 67 22.84 -9.31 2.95
N ALA A 68 22.66 -10.36 2.16
CA ALA A 68 23.19 -11.67 2.49
C ALA A 68 23.71 -12.32 1.23
N ALA A 69 24.77 -13.13 1.36
CA ALA A 69 25.51 -13.59 0.18
C ALA A 69 24.59 -14.25 -0.81
N ILE A 70 23.85 -15.28 -0.39
CA ILE A 70 23.10 -16.04 -1.36
C ILE A 70 21.90 -15.29 -1.87
N GLN A 71 21.46 -14.26 -1.15
CA GLN A 71 20.32 -13.41 -1.46
C GLN A 71 20.62 -12.30 -2.46
N VAL A 72 21.85 -11.87 -2.62
CA VAL A 72 22.12 -10.73 -3.48
C VAL A 72 23.14 -11.02 -4.57
N GLU A 73 23.99 -12.04 -4.38
CA GLU A 73 25.20 -12.23 -5.17
C GLU A 73 24.93 -12.79 -6.57
N GLY A 74 24.15 -13.87 -6.69
CA GLY A 74 24.16 -14.59 -7.94
C GLY A 74 25.48 -15.31 -8.13
N ALA A 75 25.92 -15.44 -9.38
CA ALA A 75 27.21 -16.09 -9.66
C ALA A 75 27.33 -17.43 -8.93
N ALA A 76 26.27 -18.24 -8.95
CA ALA A 76 26.19 -19.43 -8.10
C ALA A 76 27.32 -20.44 -8.34
N LYS A 77 27.89 -20.47 -9.54
CA LYS A 77 28.99 -21.37 -9.87
C LYS A 77 30.27 -20.61 -10.21
N ALA A 78 30.30 -19.30 -10.05
CA ALA A 78 31.45 -18.57 -10.54
C ALA A 78 32.65 -18.87 -9.67
N GLU A 79 33.80 -18.97 -10.29
CA GLU A 79 35.10 -18.97 -9.62
C GLU A 79 35.18 -19.99 -8.49
N GLY A 80 34.69 -21.21 -8.74
CA GLY A 80 34.94 -22.32 -7.85
C GLY A 80 33.96 -22.56 -6.73
N ARG A 81 32.87 -21.80 -6.66
CA ARG A 81 31.92 -21.94 -5.58
C ARG A 81 31.24 -23.30 -5.65
N GLY A 82 30.99 -23.90 -4.48
CA GLY A 82 30.22 -25.13 -4.40
C GLY A 82 28.75 -24.91 -4.09
N PRO A 83 27.91 -25.92 -4.30
CA PRO A 83 26.48 -25.72 -4.10
C PRO A 83 26.10 -25.81 -2.65
N SER A 84 25.12 -24.98 -2.30
CA SER A 84 24.45 -25.01 -1.01
C SER A 84 23.14 -25.74 -1.09
N THR A 85 22.54 -25.94 0.09
CA THR A 85 21.25 -26.61 0.15
C THR A 85 20.21 -25.85 -0.60
N TRP A 86 20.33 -24.53 -0.68
CA TRP A 86 19.33 -23.76 -1.41
C TRP A 86 19.47 -23.86 -2.91
N ASP A 87 20.70 -23.97 -3.42
CA ASP A 87 20.85 -24.27 -4.84
C ASP A 87 20.17 -25.60 -5.16
N TYR A 88 20.41 -26.62 -4.35
CA TYR A 88 19.75 -27.92 -4.57
C TYR A 88 18.25 -27.79 -4.43
N LEU A 89 17.79 -27.23 -3.32
CA LEU A 89 16.36 -27.14 -3.07
C LEU A 89 15.64 -26.54 -4.27
N CYS A 90 16.08 -25.37 -4.71
CA CYS A 90 15.36 -24.61 -5.75
C CYS A 90 15.63 -25.11 -7.16
N HIS A 91 16.62 -25.95 -7.35
CA HIS A 91 16.84 -26.55 -8.65
C HIS A 91 16.11 -27.88 -8.78
N HIS A 92 15.49 -28.33 -7.69
CA HIS A 92 14.80 -29.60 -7.64
C HIS A 92 13.34 -29.47 -7.23
N TYR A 93 13.00 -28.44 -6.49
CA TYR A 93 11.64 -28.27 -6.00
C TYR A 93 11.15 -26.86 -6.25
N ALA A 94 11.59 -26.25 -7.35
CA ALA A 94 11.31 -24.85 -7.58
C ALA A 94 9.82 -24.57 -7.51
N SER A 95 8.99 -25.47 -8.04
CA SER A 95 7.56 -25.18 -8.17
C SER A 95 6.77 -25.27 -6.86
N THR A 96 7.24 -26.03 -5.87
CA THR A 96 6.54 -26.13 -4.60
C THR A 96 7.22 -25.45 -3.42
N GLN A 97 8.52 -25.22 -3.47
CA GLN A 97 9.23 -24.62 -2.37
C GLN A 97 9.85 -23.27 -2.65
N CYS A 98 10.03 -22.89 -3.91
CA CYS A 98 10.80 -21.68 -4.20
C CYS A 98 10.05 -20.74 -5.14
N ASN A 99 8.72 -20.84 -5.26
CA ASN A 99 7.96 -19.89 -6.08
C ASN A 99 8.51 -19.76 -7.50
N ASN A 100 9.11 -20.82 -8.02
CA ASN A 100 9.66 -20.83 -9.37
C ASN A 100 10.82 -19.86 -9.57
N TYR A 101 11.54 -19.55 -8.48
CA TYR A 101 12.81 -18.81 -8.60
C TYR A 101 13.99 -19.66 -8.13
N ASP A 102 15.19 -19.17 -8.38
CA ASP A 102 16.39 -19.75 -7.79
C ASP A 102 17.41 -18.65 -7.55
N PRO A 103 18.44 -18.92 -6.75
CA PRO A 103 19.44 -17.87 -6.50
C PRO A 103 20.61 -17.88 -7.45
N ASP A 104 20.41 -18.37 -8.67
CA ASP A 104 21.52 -18.47 -9.60
C ASP A 104 22.12 -17.10 -9.84
N ILE A 105 21.24 -16.08 -10.06
CA ILE A 105 21.63 -14.75 -10.48
C ILE A 105 21.17 -13.67 -9.50
N THR A 106 19.91 -13.72 -9.10
CA THR A 106 19.41 -12.78 -8.06
C THR A 106 19.60 -11.33 -8.56
N THR A 107 20.27 -10.43 -7.82
CA THR A 107 20.57 -9.06 -8.21
C THR A 107 21.93 -8.94 -8.86
N ASN A 108 22.68 -10.04 -8.96
CA ASN A 108 23.99 -10.08 -9.60
C ASN A 108 24.99 -9.21 -8.85
N HIS A 109 24.79 -9.05 -7.54
CA HIS A 109 25.70 -8.23 -6.75
C HIS A 109 27.13 -8.77 -6.76
N TYR A 110 27.33 -10.07 -7.08
CA TYR A 110 28.69 -10.63 -7.19
C TYR A 110 29.54 -9.85 -8.21
N TYR A 111 28.91 -9.43 -9.30
CA TYR A 111 29.60 -8.70 -10.34
C TYR A 111 29.30 -7.21 -10.32
N LEU A 112 28.19 -6.79 -9.71
CA LEU A 112 27.78 -5.39 -9.71
C LEU A 112 28.05 -4.67 -8.40
N TYR A 113 28.75 -5.31 -7.46
CA TYR A 113 28.95 -4.66 -6.17
C TYR A 113 29.59 -3.28 -6.29
N PRO A 114 30.55 -3.01 -7.21
CA PRO A 114 31.10 -1.65 -7.30
C PRO A 114 30.07 -0.59 -7.62
N LEU A 115 29.14 -0.88 -8.53
CA LEU A 115 28.06 0.07 -8.83
C LEU A 115 27.13 0.26 -7.65
N ASP A 116 26.75 -0.84 -6.98
CA ASP A 116 25.93 -0.74 -5.78
C ASP A 116 26.57 0.15 -4.72
N PHE A 117 27.86 0.01 -4.50
CA PHE A 117 28.49 0.80 -3.46
C PHE A 117 28.52 2.27 -3.87
N ALA A 118 28.74 2.53 -5.15
CA ALA A 118 28.68 3.91 -5.60
C ALA A 118 27.29 4.50 -5.37
N ARG A 119 26.24 3.73 -5.64
CA ARG A 119 24.89 4.24 -5.44
C ARG A 119 24.58 4.39 -3.96
N LEU A 120 25.09 3.48 -3.13
CA LEU A 120 24.94 3.60 -1.69
C LEU A 120 25.66 4.83 -1.16
N GLN A 121 26.86 5.11 -1.69
CA GLN A 121 27.58 6.30 -1.25
C GLN A 121 26.79 7.58 -1.51
N HIS A 122 26.11 7.68 -2.66
CA HIS A 122 25.27 8.83 -3.00
C HIS A 122 24.17 9.12 -1.97
N LEU A 123 23.70 8.10 -1.24
CA LEU A 123 22.67 8.26 -0.22
C LEU A 123 23.24 8.51 1.18
N GLY A 124 24.55 8.57 1.33
CA GLY A 124 25.16 8.74 2.65
C GLY A 124 25.14 7.55 3.59
N ILE A 125 24.87 6.35 3.07
CA ILE A 125 25.05 5.13 3.85
C ILE A 125 26.50 5.04 4.31
N ASN A 126 26.70 4.66 5.59
CA ASN A 126 28.06 4.51 6.11
C ASN A 126 28.45 3.11 6.58
N THR A 127 27.60 2.09 6.40
CA THR A 127 27.88 0.74 6.87
C THR A 127 27.26 -0.27 5.91
N TYR A 128 27.98 -1.37 5.63
CA TYR A 128 27.54 -2.39 4.68
C TYR A 128 27.63 -3.75 5.35
N SER A 129 26.48 -4.36 5.59
CA SER A 129 26.34 -5.67 6.21
C SER A 129 26.20 -6.69 5.09
N PHE A 130 27.02 -7.72 5.17
CA PHE A 130 27.07 -8.74 4.15
C PHE A 130 27.34 -10.04 4.86
N SER A 131 27.10 -11.11 4.14
CA SER A 131 27.39 -12.47 4.58
C SER A 131 28.39 -13.07 3.62
N ILE A 132 29.10 -14.09 4.11
CA ILE A 132 30.11 -14.79 3.33
C ILE A 132 29.46 -16.07 2.83
N SER A 133 29.54 -16.35 1.54
CA SER A 133 29.02 -17.63 1.09
C SER A 133 30.09 -18.63 1.51
N TRP A 134 29.76 -19.46 2.51
CA TRP A 134 30.68 -20.50 2.95
C TRP A 134 31.24 -21.32 1.82
N THR A 135 30.40 -21.66 0.87
CA THR A 135 30.79 -22.50 -0.25
C THR A 135 31.68 -21.78 -1.24
N ARG A 136 31.78 -20.46 -1.15
CA ARG A 136 32.81 -19.82 -1.95
C ARG A 136 34.17 -20.03 -1.31
N ILE A 137 34.22 -20.33 -0.02
CA ILE A 137 35.48 -20.52 0.70
C ILE A 137 35.85 -22.00 0.78
N TYR A 138 34.91 -22.84 1.17
CA TYR A 138 35.08 -24.28 1.19
C TYR A 138 34.03 -24.90 0.27
N PRO A 139 34.35 -25.12 -1.01
CA PRO A 139 33.30 -25.59 -1.94
C PRO A 139 32.67 -26.91 -1.53
N LEU A 140 33.36 -27.75 -0.78
CA LEU A 140 32.77 -28.96 -0.24
C LEU A 140 32.44 -28.82 1.24
N GLY A 141 32.48 -27.60 1.76
CA GLY A 141 32.24 -27.33 3.17
C GLY A 141 33.46 -27.55 4.04
N ALA A 142 34.20 -28.60 3.75
CA ALA A 142 35.46 -28.91 4.42
C ALA A 142 36.49 -29.32 3.39
N GLY A 143 37.72 -29.40 3.80
CA GLY A 143 38.77 -29.82 2.90
C GLY A 143 39.41 -28.62 2.25
N TYR A 144 39.45 -28.62 0.92
CA TYR A 144 40.27 -27.65 0.19
C TYR A 144 39.61 -26.27 0.17
N VAL A 145 40.44 -25.29 0.18
CA VAL A 145 39.99 -23.92 0.21
C VAL A 145 40.08 -23.36 -1.20
N ASN A 146 39.13 -22.51 -1.53
CA ASN A 146 39.01 -21.95 -2.87
C ASN A 146 39.56 -20.54 -2.82
N GLU A 147 40.79 -20.34 -3.32
CA GLU A 147 41.44 -19.04 -3.23
C GLU A 147 40.66 -17.96 -3.96
N ALA A 148 40.02 -18.31 -5.06
CA ALA A 148 39.20 -17.32 -5.75
C ALA A 148 38.08 -16.85 -4.87
N GLY A 149 37.52 -17.74 -4.03
CA GLY A 149 36.47 -17.31 -3.14
C GLY A 149 36.97 -16.35 -2.09
N LEU A 150 38.09 -16.66 -1.45
CA LEU A 150 38.67 -15.74 -0.48
C LEU A 150 39.02 -14.40 -1.11
N ALA A 151 39.54 -14.43 -2.34
CA ALA A 151 39.96 -13.22 -3.04
C ALA A 151 38.77 -12.35 -3.48
N HIS A 152 37.63 -12.93 -3.82
CA HIS A 152 36.48 -12.10 -4.18
C HIS A 152 36.14 -11.13 -3.07
N TYR A 153 36.03 -11.64 -1.84
CA TYR A 153 35.64 -10.82 -0.71
C TYR A 153 36.74 -9.85 -0.29
N ASP A 154 38.01 -10.20 -0.52
CA ASP A 154 39.08 -9.20 -0.43
C ASP A 154 38.76 -7.97 -1.26
N ALA A 155 38.38 -8.18 -2.53
CA ALA A 155 38.09 -7.09 -3.44
C ALA A 155 36.81 -6.37 -3.03
N VAL A 156 35.83 -7.14 -2.52
CA VAL A 156 34.58 -6.58 -2.05
C VAL A 156 34.83 -5.61 -0.91
N ILE A 157 35.58 -6.03 0.10
CA ILE A 157 35.81 -5.19 1.26
C ILE A 157 36.52 -3.89 0.87
N HIS A 158 37.51 -3.96 -0.03
CA HIS A 158 38.25 -2.76 -0.44
C HIS A 158 37.38 -1.73 -1.19
N SER A 159 36.54 -2.16 -2.14
CA SER A 159 35.67 -1.19 -2.82
C SER A 159 34.69 -0.52 -1.85
N ALA A 160 34.10 -1.28 -0.94
CA ALA A 160 33.17 -0.72 0.02
C ALA A 160 33.84 0.37 0.83
N LYS A 161 35.00 0.07 1.41
CA LYS A 161 35.70 1.08 2.17
C LYS A 161 36.04 2.27 1.29
N LYS A 162 36.35 2.01 0.01
CA LYS A 162 36.60 3.09 -0.93
C LYS A 162 35.39 4.00 -1.07
N TYR A 163 34.18 3.45 -0.95
CA TYR A 163 32.96 4.22 -1.07
C TYR A 163 32.40 4.69 0.27
N GLY A 164 33.20 4.66 1.32
CA GLY A 164 32.76 5.19 2.60
C GLY A 164 31.91 4.22 3.39
N LEU A 165 32.01 2.95 3.09
CA LEU A 165 31.11 1.94 3.65
C LEU A 165 31.95 1.06 4.58
N GLU A 166 31.69 1.16 5.89
CA GLU A 166 32.35 0.28 6.87
C GLU A 166 31.79 -1.14 6.76
N PRO A 167 32.61 -2.16 6.53
CA PRO A 167 32.08 -3.50 6.30
C PRO A 167 31.81 -4.25 7.60
N VAL A 168 30.64 -4.88 7.68
CA VAL A 168 30.21 -5.65 8.82
C VAL A 168 29.84 -7.05 8.32
N GLY A 169 30.46 -8.07 8.90
CA GLY A 169 30.46 -9.41 8.34
C GLY A 169 29.66 -10.39 9.18
N THR A 170 28.84 -11.16 8.46
CA THR A 170 28.12 -12.30 9.01
C THR A 170 28.77 -13.53 8.38
N VAL A 171 29.18 -14.48 9.21
CA VAL A 171 29.91 -15.64 8.70
C VAL A 171 28.97 -16.59 8.00
N PHE A 172 27.78 -16.79 8.55
CA PHE A 172 26.87 -17.77 8.02
C PHE A 172 25.47 -17.17 7.95
N HIS A 173 24.96 -17.04 6.72
CA HIS A 173 23.60 -16.58 6.50
C HIS A 173 22.84 -17.66 5.73
N TRP A 174 22.71 -18.86 6.31
CA TRP A 174 21.77 -19.93 5.90
C TRP A 174 22.20 -20.75 4.68
N ASP A 175 23.33 -20.45 4.07
CA ASP A 175 23.75 -21.13 2.83
C ASP A 175 24.62 -22.33 3.19
N THR A 176 23.97 -23.30 3.84
CA THR A 176 24.62 -24.54 4.28
C THR A 176 25.30 -25.23 3.11
N PRO A 177 26.57 -25.67 3.25
CA PRO A 177 27.20 -26.43 2.17
C PRO A 177 26.40 -27.69 1.92
N LEU A 178 26.01 -27.89 0.67
CA LEU A 178 25.24 -29.08 0.38
C LEU A 178 26.02 -30.32 0.80
N SER A 179 27.31 -30.31 0.49
CA SER A 179 28.22 -31.43 0.76
C SER A 179 28.16 -31.89 2.22
N LEU A 180 28.18 -30.96 3.16
CA LEU A 180 28.17 -31.34 4.58
C LEU A 180 26.83 -31.98 4.98
N MET A 181 25.73 -31.53 4.35
CA MET A 181 24.41 -32.12 4.60
C MET A 181 24.36 -33.59 4.16
N LEU A 182 24.89 -33.89 2.99
CA LEU A 182 24.90 -35.26 2.50
C LEU A 182 25.82 -36.14 3.32
N LYS A 183 27.01 -35.63 3.62
CA LYS A 183 28.00 -36.41 4.36
C LYS A 183 27.46 -36.85 5.72
N TYR A 184 27.00 -35.92 6.56
CA TYR A 184 26.65 -36.32 7.91
C TYR A 184 25.45 -35.58 8.52
N GLY A 185 24.62 -34.93 7.70
CA GLY A 185 23.43 -34.21 8.16
C GLY A 185 23.66 -32.79 8.61
N ALA A 186 24.84 -32.22 8.33
CA ALA A 186 25.17 -30.81 8.61
C ALA A 186 24.81 -30.43 10.04
N TRP A 187 23.88 -29.49 10.22
CA TRP A 187 23.52 -29.02 11.55
C TRP A 187 22.72 -30.04 12.36
N GLN A 188 22.29 -31.13 11.75
CA GLN A 188 21.69 -32.20 12.53
C GLN A 188 22.71 -33.21 13.03
N ASP A 189 23.98 -33.02 12.70
CA ASP A 189 25.03 -33.90 13.17
C ASP A 189 24.80 -34.27 14.61
N THR A 190 24.68 -35.58 14.87
CA THR A 190 24.56 -36.08 16.24
C THR A 190 25.92 -36.17 16.90
N GLY A 191 26.98 -36.10 16.10
CA GLY A 191 28.33 -35.97 16.59
C GLY A 191 28.68 -34.50 16.77
N ASP A 192 29.93 -34.12 16.41
CA ASP A 192 30.42 -32.75 16.49
C ASP A 192 31.22 -32.32 15.26
N GLN A 193 31.08 -33.04 14.13
CA GLN A 193 31.81 -32.66 12.93
C GLN A 193 31.38 -31.31 12.36
N ILE A 194 30.10 -30.95 12.49
CA ILE A 194 29.65 -29.68 11.96
C ILE A 194 30.34 -28.53 12.67
N VAL A 195 30.57 -28.67 14.00
CA VAL A 195 31.29 -27.65 14.76
C VAL A 195 32.73 -27.55 14.29
N LYS A 196 33.41 -28.70 14.16
CA LYS A 196 34.78 -28.66 13.66
C LYS A 196 34.86 -28.03 12.29
N ASP A 197 33.94 -28.39 11.41
CA ASP A 197 34.05 -27.83 10.08
C ASP A 197 33.73 -26.34 10.09
N PHE A 198 32.69 -25.93 10.81
CA PHE A 198 32.39 -24.51 10.88
C PHE A 198 33.52 -23.71 11.50
N VAL A 199 34.16 -24.21 12.54
CA VAL A 199 35.18 -23.40 13.22
C VAL A 199 36.37 -23.21 12.29
N THR A 200 36.73 -24.25 11.54
CA THR A 200 37.79 -24.11 10.53
C THR A 200 37.44 -23.03 9.51
N TYR A 201 36.21 -23.04 9.02
CA TYR A 201 35.78 -22.00 8.08
C TYR A 201 35.87 -20.62 8.75
N ALA A 202 35.31 -20.50 9.95
CA ALA A 202 35.33 -19.23 10.65
C ALA A 202 36.77 -18.75 10.88
N THR A 203 37.67 -19.66 11.24
CA THR A 203 39.07 -19.29 11.47
C THR A 203 39.70 -18.69 10.22
N THR A 204 39.43 -19.31 9.07
CA THR A 204 39.99 -18.85 7.80
C THR A 204 39.54 -17.43 7.46
N VAL A 205 38.23 -17.15 7.58
CA VAL A 205 37.70 -15.84 7.23
C VAL A 205 38.10 -14.81 8.28
N PHE A 206 38.14 -15.21 9.55
CA PHE A 206 38.67 -14.32 10.58
C PHE A 206 40.10 -13.93 10.29
N LYS A 207 40.97 -14.91 9.96
CA LYS A 207 42.36 -14.62 9.65
C LYS A 207 42.46 -13.72 8.41
N ARG A 208 41.63 -13.96 7.38
CA ARG A 208 41.75 -13.25 6.12
C ARG A 208 41.23 -11.83 6.20
N TYR A 209 40.17 -11.61 7.00
CA TYR A 209 39.46 -10.34 6.98
C TYR A 209 39.44 -9.64 8.33
N GLY A 210 39.92 -10.29 9.39
CA GLY A 210 39.79 -9.73 10.73
C GLY A 210 40.60 -8.47 10.93
N ASN A 211 41.57 -8.24 10.06
CA ASN A 211 42.36 -7.02 10.06
C ASN A 211 41.60 -5.85 9.43
N GLU A 212 40.57 -6.13 8.62
CA GLU A 212 39.73 -5.14 7.93
C GLU A 212 38.30 -5.04 8.45
N VAL A 213 37.70 -6.14 8.89
CA VAL A 213 36.34 -6.20 9.41
C VAL A 213 36.40 -6.24 10.93
N LYS A 214 35.85 -5.24 11.59
CA LYS A 214 35.97 -5.19 13.04
C LYS A 214 34.63 -5.41 13.73
N THR A 215 33.56 -5.67 13.01
CA THR A 215 32.32 -6.10 13.64
C THR A 215 31.82 -7.37 12.96
N TRP A 216 31.67 -8.42 13.78
CA TRP A 216 31.37 -9.76 13.30
C TRP A 216 30.17 -10.34 14.00
N PHE A 217 29.38 -11.04 13.20
CA PHE A 217 28.32 -11.94 13.65
C PHE A 217 28.57 -13.33 13.12
N THR A 218 28.51 -14.31 14.01
CA THR A 218 28.68 -15.69 13.61
C THR A 218 27.53 -16.16 12.71
N PHE A 219 26.30 -16.16 13.24
CA PHE A 219 25.09 -16.64 12.58
C PHE A 219 24.05 -15.54 12.41
N ASN A 220 23.38 -15.52 11.25
CA ASN A 220 22.20 -14.70 11.04
C ASN A 220 20.95 -15.45 11.48
N GLU A 221 20.17 -14.86 12.41
CA GLU A 221 18.87 -15.32 12.91
C GLU A 221 18.84 -16.82 13.11
N PRO A 222 19.61 -17.36 14.07
CA PRO A 222 19.68 -18.83 14.21
C PRO A 222 18.37 -19.51 14.53
N ARG A 223 17.44 -18.86 15.22
CA ARG A 223 16.16 -19.51 15.48
C ARG A 223 15.39 -19.75 14.19
N VAL A 224 15.33 -18.72 13.33
CA VAL A 224 14.69 -18.89 12.02
C VAL A 224 15.43 -19.93 11.21
N PHE A 225 16.78 -19.88 11.22
CA PHE A 225 17.55 -20.85 10.47
C PHE A 225 17.29 -22.28 10.96
N CYS A 226 17.31 -22.49 12.28
CA CYS A 226 17.11 -23.84 12.78
C CYS A 226 15.69 -24.33 12.59
N SER A 227 14.73 -23.41 12.58
CA SER A 227 13.37 -23.85 12.36
C SER A 227 13.16 -24.33 10.93
N GLN A 228 13.95 -23.79 9.99
CA GLN A 228 13.96 -24.33 8.62
C GLN A 228 14.44 -25.76 8.55
N ASN A 229 15.28 -26.18 9.49
CA ASN A 229 15.83 -27.54 9.44
C ASN A 229 14.78 -28.60 9.68
N SER A 230 13.56 -28.19 9.96
CA SER A 230 12.45 -29.13 10.01
C SER A 230 11.93 -29.47 8.62
N GLY A 231 12.36 -28.75 7.58
CA GLY A 231 11.84 -28.92 6.24
C GLY A 231 12.80 -29.52 5.23
N LEU A 232 12.34 -29.56 3.99
CA LEU A 232 13.21 -29.92 2.88
C LEU A 232 14.29 -28.86 2.71
N PRO A 233 15.51 -29.24 2.28
CA PRO A 233 15.94 -30.60 1.97
C PRO A 233 16.57 -31.26 3.15
N TYR A 234 16.58 -30.58 4.28
CA TYR A 234 17.22 -31.15 5.45
C TYR A 234 16.59 -32.50 5.81
N ASN A 235 15.29 -32.63 5.64
CA ASN A 235 14.61 -33.86 6.04
C ASN A 235 14.66 -34.95 4.98
N LEU A 236 15.49 -34.81 3.96
CA LEU A 236 15.85 -35.95 3.14
C LEU A 236 16.99 -36.77 3.76
N THR A 237 17.74 -36.20 4.72
CA THR A 237 19.00 -36.77 5.18
C THR A 237 19.19 -36.74 6.70
N TYR A 238 18.11 -36.76 7.48
CA TYR A 238 18.27 -36.75 8.93
C TYR A 238 19.11 -37.92 9.39
N PRO A 239 20.05 -37.70 10.30
CA PRO A 239 20.74 -38.84 10.89
C PRO A 239 19.81 -39.72 11.70
N GLU A 240 20.36 -40.88 12.05
CA GLU A 240 19.60 -41.92 12.77
C GLU A 240 19.30 -41.39 14.14
N GLY A 241 18.03 -41.43 14.53
CA GLY A 241 17.64 -40.95 15.87
C GLY A 241 17.05 -39.58 15.78
N ILE A 242 17.24 -38.95 14.63
CA ILE A 242 16.75 -37.55 14.42
C ILE A 242 15.45 -37.52 13.63
N ASN A 243 14.46 -36.87 14.25
CA ASN A 243 13.05 -36.62 13.86
C ASN A 243 13.02 -35.36 12.99
N SER A 244 11.85 -34.81 12.74
CA SER A 244 11.85 -33.55 11.97
C SER A 244 11.35 -32.49 12.92
N THR A 245 11.04 -32.92 14.13
CA THR A 245 10.53 -32.04 15.21
C THR A 245 11.69 -31.62 16.08
N SER A 246 12.74 -32.44 16.09
CA SER A 246 13.96 -32.22 16.88
C SER A 246 15.10 -31.80 15.96
N ALA A 247 14.87 -31.84 14.67
CA ALA A 247 15.94 -31.35 13.80
C ALA A 247 16.13 -29.89 14.20
N VAL A 248 15.12 -29.28 14.83
CA VAL A 248 15.27 -27.85 15.14
C VAL A 248 16.10 -27.67 16.40
N PHE A 249 15.94 -28.56 17.38
CA PHE A 249 16.60 -28.37 18.67
C PHE A 249 17.98 -29.00 18.73
N ARG A 250 18.23 -30.05 17.93
CA ARG A 250 19.60 -30.50 17.71
C ARG A 250 20.42 -29.40 17.00
N CYS A 251 19.81 -28.75 15.99
CA CYS A 251 20.43 -27.59 15.33
C CYS A 251 20.69 -26.49 16.34
N THR A 252 19.73 -26.22 17.23
CA THR A 252 19.92 -25.16 18.23
C THR A 252 21.20 -25.40 19.02
N TYR A 253 21.37 -26.64 19.48
CA TYR A 253 22.54 -27.03 20.29
C TYR A 253 23.83 -26.94 19.47
N ASN A 254 23.83 -27.48 18.26
CA ASN A 254 25.03 -27.46 17.43
C ASN A 254 25.45 -26.04 17.11
N VAL A 255 24.47 -25.15 16.90
CA VAL A 255 24.71 -23.74 16.56
C VAL A 255 25.31 -22.98 17.74
N LEU A 256 24.75 -23.17 18.94
CA LEU A 256 25.30 -22.56 20.14
C LEU A 256 26.77 -22.94 20.32
N LYS A 257 27.11 -24.21 20.10
CA LYS A 257 28.49 -24.66 20.19
C LYS A 257 29.38 -24.04 19.13
N ALA A 258 28.93 -24.07 17.87
CA ALA A 258 29.68 -23.43 16.79
C ALA A 258 29.97 -21.98 17.09
N HIS A 259 28.99 -21.27 17.66
CA HIS A 259 29.21 -19.87 17.99
C HIS A 259 30.28 -19.71 19.08
N GLY A 260 30.13 -20.45 20.17
CA GLY A 260 31.07 -20.36 21.29
C GLY A 260 32.50 -20.67 20.90
N HIS A 261 32.69 -21.76 20.13
CA HIS A 261 34.03 -22.15 19.73
C HIS A 261 34.66 -21.10 18.82
N ALA A 262 33.85 -20.57 17.90
CA ALA A 262 34.28 -19.51 16.99
C ALA A 262 34.61 -18.22 17.71
N VAL A 263 33.83 -17.87 18.73
CA VAL A 263 34.15 -16.64 19.44
C VAL A 263 35.47 -16.77 20.18
N LYS A 264 35.75 -17.94 20.76
CA LYS A 264 37.05 -18.17 21.40
C LYS A 264 38.18 -17.98 20.40
N VAL A 265 38.05 -18.60 19.21
CA VAL A 265 39.07 -18.43 18.18
C VAL A 265 39.22 -16.95 17.85
N TYR A 266 38.10 -16.22 17.67
CA TYR A 266 38.16 -14.80 17.37
C TYR A 266 38.87 -14.02 18.48
N ARG A 267 38.56 -14.34 19.74
CA ARG A 267 39.16 -13.62 20.85
C ARG A 267 40.64 -13.97 20.99
N ASP A 268 40.99 -15.25 20.77
CA ASP A 268 42.40 -15.64 20.76
C ASP A 268 43.17 -14.94 19.66
N LEU A 269 42.53 -14.80 18.49
CA LEU A 269 43.17 -14.11 17.38
C LEU A 269 43.39 -12.64 17.72
N VAL A 270 42.42 -12.02 18.40
CA VAL A 270 42.60 -10.64 18.85
C VAL A 270 43.69 -10.56 19.91
N ALA A 271 43.59 -11.42 20.93
CA ALA A 271 44.52 -11.35 22.04
C ALA A 271 45.94 -11.61 21.58
N SER A 272 46.12 -12.35 20.49
CA SER A 272 47.47 -12.55 19.97
C SER A 272 47.89 -11.40 19.06
N GLY A 273 46.97 -10.47 18.77
CA GLY A 273 47.31 -9.38 17.88
C GLY A 273 47.34 -9.72 16.41
N THR A 274 46.88 -10.92 16.03
CA THR A 274 46.87 -11.35 14.63
C THR A 274 45.94 -10.50 13.78
N ILE A 275 44.80 -10.10 14.35
CA ILE A 275 43.78 -9.30 13.69
C ILE A 275 43.50 -8.13 14.63
N ALA A 276 42.99 -7.05 14.05
CA ALA A 276 42.54 -5.92 14.83
C ALA A 276 41.46 -6.32 15.83
N ALA A 277 41.40 -5.58 16.93
CA ALA A 277 40.39 -5.90 17.92
C ALA A 277 39.02 -5.45 17.41
N GLY A 278 38.03 -6.32 17.59
CA GLY A 278 36.65 -5.98 17.30
C GLY A 278 35.66 -6.59 18.26
N GLU A 279 34.39 -6.69 17.81
CA GLU A 279 33.29 -7.20 18.61
C GLU A 279 32.56 -8.29 17.84
N ILE A 280 32.00 -9.26 18.57
CA ILE A 280 31.38 -10.40 17.92
C ILE A 280 30.15 -10.82 18.71
N GLY A 281 29.12 -11.18 17.98
CA GLY A 281 27.90 -11.70 18.56
C GLY A 281 27.22 -12.51 17.50
N PHE A 282 25.90 -12.58 17.62
CA PHE A 282 25.02 -13.08 16.57
C PHE A 282 23.75 -12.23 16.53
N LYS A 283 23.01 -12.34 15.43
CA LYS A 283 21.82 -11.51 15.23
C LYS A 283 20.60 -12.28 15.71
N SER A 284 19.97 -11.80 16.77
CA SER A 284 18.69 -12.33 17.21
C SER A 284 17.59 -11.70 16.35
N ASP A 285 16.35 -12.20 16.52
CA ASP A 285 15.13 -11.65 15.87
C ASP A 285 13.89 -11.83 16.75
N ASP A 286 12.71 -11.75 16.16
CA ASP A 286 11.39 -11.87 16.84
C ASP A 286 11.26 -10.84 17.96
N ASN A 287 10.53 -11.18 19.00
CA ASN A 287 10.40 -10.23 20.12
C ASN A 287 9.90 -10.89 21.39
N TYR A 288 9.53 -10.06 22.35
CA TYR A 288 8.89 -10.48 23.59
C TYR A 288 7.49 -9.91 23.51
N PRO A 289 6.60 -10.61 22.82
CA PRO A 289 5.23 -10.17 22.54
C PRO A 289 4.35 -9.62 23.67
N ILE A 290 3.53 -8.61 23.34
CA ILE A 290 2.57 -8.01 24.27
C ILE A 290 1.37 -8.93 24.50
N PRO A 291 0.90 -9.09 25.73
CA PRO A 291 -0.30 -9.90 25.98
C PRO A 291 -1.52 -9.30 25.31
N ALA A 292 -2.34 -10.18 24.74
CA ALA A 292 -3.53 -9.70 24.06
C ALA A 292 -4.47 -8.98 25.02
N ARG A 293 -4.61 -9.52 26.22
CA ARG A 293 -5.43 -8.94 27.27
C ARG A 293 -4.47 -8.58 28.39
N PRO A 294 -4.15 -7.30 28.57
CA PRO A 294 -3.11 -6.93 29.54
C PRO A 294 -3.52 -7.31 30.95
N GLY A 295 -2.54 -7.85 31.69
CA GLY A 295 -2.77 -8.39 33.03
C GLY A 295 -3.28 -9.80 33.11
N ASN A 296 -3.69 -10.40 31.99
CA ASN A 296 -4.13 -11.78 31.99
C ASN A 296 -2.91 -12.70 32.07
N ALA A 297 -2.89 -13.58 33.08
CA ALA A 297 -1.70 -14.38 33.35
C ALA A 297 -1.46 -15.37 32.22
N ASP A 298 -2.51 -15.76 31.49
CA ASP A 298 -2.32 -16.71 30.41
C ASP A 298 -1.63 -16.06 29.22
N ASP A 299 -2.08 -14.87 28.85
CA ASP A 299 -1.44 -14.18 27.74
C ASP A 299 0.00 -13.86 28.08
N GLU A 300 0.25 -13.47 29.33
CA GLU A 300 1.62 -13.24 29.76
C GLU A 300 2.46 -14.52 29.68
N GLU A 301 1.90 -15.68 30.08
CA GLU A 301 2.67 -16.92 29.96
C GLU A 301 3.00 -17.24 28.51
N SER A 302 2.05 -17.06 27.59
CA SER A 302 2.36 -17.38 26.21
C SER A 302 3.34 -16.37 25.62
N ALA A 303 3.29 -15.12 26.11
CA ALA A 303 4.28 -14.12 25.72
C ALA A 303 5.68 -14.54 26.15
N LYS A 304 5.82 -15.02 27.40
CA LYS A 304 7.11 -15.51 27.92
C LYS A 304 7.60 -16.72 27.12
N ARG A 305 6.71 -17.69 26.89
CA ARG A 305 7.08 -18.83 26.09
C ARG A 305 7.59 -18.43 24.73
N HIS A 306 6.94 -17.45 24.09
CA HIS A 306 7.39 -16.97 22.78
C HIS A 306 8.80 -16.38 22.84
N GLU A 307 9.03 -15.44 23.76
CA GLU A 307 10.37 -14.88 23.96
C GLU A 307 11.41 -15.96 24.15
N ALA A 308 11.09 -16.95 24.97
CA ALA A 308 12.05 -17.97 25.30
C ALA A 308 12.38 -18.83 24.08
N PHE A 309 11.36 -19.18 23.28
CA PHE A 309 11.60 -20.04 22.11
C PHE A 309 12.14 -19.26 20.91
N ARG A 310 11.87 -17.96 20.82
CA ARG A 310 12.24 -17.16 19.65
C ARG A 310 13.49 -16.30 19.85
N ILE A 311 13.86 -16.03 21.11
CA ILE A 311 15.02 -15.21 21.45
C ILE A 311 15.87 -15.89 22.52
N GLY A 312 15.24 -16.23 23.65
CA GLY A 312 15.99 -16.76 24.78
C GLY A 312 16.79 -18.02 24.53
N ILE A 313 16.30 -18.89 23.64
CA ILE A 313 16.95 -20.20 23.42
C ILE A 313 18.36 -20.07 22.90
N PHE A 314 18.67 -18.98 22.20
CA PHE A 314 20.01 -18.63 21.79
C PHE A 314 20.61 -17.49 22.60
N ALA A 315 19.83 -16.51 22.99
CA ALA A 315 20.41 -15.34 23.66
C ALA A 315 20.72 -15.59 25.14
N GLN A 316 19.92 -16.43 25.83
CA GLN A 316 20.19 -16.68 27.25
C GLN A 316 21.47 -17.48 27.48
N PRO A 317 21.76 -18.56 26.74
CA PRO A 317 23.08 -19.18 26.88
C PRO A 317 24.25 -18.23 26.63
N VAL A 318 24.11 -17.26 25.71
CA VAL A 318 25.23 -16.42 25.27
C VAL A 318 25.34 -15.13 26.08
N TYR A 319 24.23 -14.39 26.25
CA TYR A 319 24.30 -13.10 26.91
C TYR A 319 23.69 -13.09 28.31
N GLY A 320 23.10 -14.17 28.75
CA GLY A 320 22.45 -14.15 30.05
C GLY A 320 23.20 -15.10 30.96
N ASN A 321 22.45 -15.90 31.72
CA ASN A 321 23.03 -16.75 32.75
C ASN A 321 23.81 -17.95 32.20
N GLY A 322 23.78 -18.21 30.88
CA GLY A 322 24.52 -19.31 30.30
C GLY A 322 23.77 -20.62 30.09
N ASP A 323 22.46 -20.65 30.38
CA ASP A 323 21.66 -21.84 30.13
C ASP A 323 20.44 -21.46 29.32
N TYR A 324 19.74 -22.49 28.80
CA TYR A 324 18.46 -22.29 28.13
C TYR A 324 17.42 -21.69 29.08
N PRO A 325 16.40 -21.00 28.54
CA PRO A 325 15.28 -20.60 29.40
C PRO A 325 14.65 -21.82 30.04
N ASP A 326 14.14 -21.65 31.25
CA ASP A 326 13.61 -22.79 31.98
C ASP A 326 12.43 -23.43 31.28
N VAL A 327 11.53 -22.60 30.72
CA VAL A 327 10.35 -23.11 30.03
C VAL A 327 10.69 -23.98 28.81
N VAL A 328 11.84 -23.73 28.17
CA VAL A 328 12.19 -24.53 27.00
C VAL A 328 12.62 -25.94 27.39
N LYS A 329 13.54 -26.05 28.35
CA LYS A 329 14.00 -27.36 28.78
C LYS A 329 12.83 -28.24 29.24
N GLU A 330 11.93 -27.67 30.04
CA GLU A 330 10.82 -28.43 30.63
C GLU A 330 9.85 -28.96 29.58
N THR A 331 9.72 -28.26 28.45
CA THR A 331 8.75 -28.68 27.46
C THR A 331 9.39 -29.65 26.46
N VAL A 332 10.63 -29.40 26.08
CA VAL A 332 11.28 -30.17 25.02
C VAL A 332 12.00 -31.38 25.57
N GLY A 333 12.45 -31.33 26.81
CA GLY A 333 13.09 -32.51 27.38
C GLY A 333 14.36 -32.89 26.61
N ASP A 334 14.51 -34.19 26.32
CA ASP A 334 15.77 -34.72 25.78
C ASP A 334 15.98 -34.43 24.31
N MET A 335 15.02 -33.81 23.61
CA MET A 335 15.28 -33.36 22.24
C MET A 335 16.32 -32.25 22.18
N LEU A 336 16.49 -31.47 23.28
CA LEU A 336 17.47 -30.40 23.40
C LEU A 336 18.65 -30.90 24.21
N PRO A 337 19.84 -31.08 23.61
CA PRO A 337 21.03 -31.52 24.38
C PRO A 337 21.47 -30.59 25.53
N ALA A 338 21.87 -31.22 26.63
CA ALA A 338 22.30 -30.53 27.83
C ALA A 338 23.66 -29.91 27.57
N LEU A 339 23.86 -28.74 28.14
CA LEU A 339 25.12 -28.02 28.00
C LEU A 339 26.18 -28.62 28.93
N THR A 340 27.19 -29.28 28.31
CA THR A 340 28.25 -29.84 29.13
C THR A 340 29.01 -28.67 29.73
N ASP A 341 29.89 -28.99 30.69
CA ASP A 341 30.66 -27.90 31.31
C ASP A 341 31.54 -27.18 30.30
N GLU A 342 32.17 -27.93 29.38
CA GLU A 342 33.02 -27.31 28.38
C GLU A 342 32.21 -26.39 27.48
N ASP A 343 31.02 -26.82 27.06
CA ASP A 343 30.15 -25.97 26.23
C ASP A 343 29.89 -24.61 26.89
N LYS A 344 29.48 -24.57 28.17
CA LYS A 344 29.20 -23.28 28.79
C LYS A 344 30.43 -22.39 28.83
N GLY A 345 31.61 -22.97 28.90
CA GLY A 345 32.81 -22.17 28.88
C GLY A 345 32.96 -21.39 27.60
N TYR A 346 32.54 -21.98 26.48
CA TYR A 346 32.59 -21.26 25.22
C TYR A 346 31.38 -20.37 25.01
N ILE A 347 30.19 -20.82 25.42
CA ILE A 347 28.97 -20.13 25.00
C ILE A 347 28.65 -18.98 25.89
N LYS A 348 28.68 -19.20 27.19
CA LYS A 348 28.37 -18.12 28.10
C LYS A 348 29.40 -17.01 27.94
N GLY A 349 28.93 -15.78 27.68
CA GLY A 349 29.78 -14.63 27.48
C GLY A 349 30.41 -14.53 26.11
N SER A 350 29.97 -15.34 25.17
CA SER A 350 30.53 -15.34 23.83
C SER A 350 29.92 -14.34 22.91
N GLY A 351 29.38 -13.23 23.47
CA GLY A 351 28.81 -12.13 22.71
C GLY A 351 29.21 -10.74 23.16
N ASP A 352 30.12 -10.08 22.43
CA ASP A 352 30.50 -8.71 22.75
C ASP A 352 29.34 -7.75 22.47
N ILE A 353 28.50 -8.08 21.50
CA ILE A 353 27.44 -7.21 21.06
C ILE A 353 26.18 -8.04 20.90
N PHE A 354 25.04 -7.42 21.22
CA PHE A 354 23.76 -7.98 20.90
C PHE A 354 23.32 -7.35 19.59
N ALA A 355 22.57 -8.11 18.81
CA ALA A 355 22.01 -7.64 17.55
C ALA A 355 20.61 -8.20 17.41
N ILE A 356 19.65 -7.32 17.08
CA ILE A 356 18.24 -7.70 16.97
C ILE A 356 17.73 -7.27 15.59
N ASP A 357 17.20 -8.25 14.84
CA ASP A 357 16.44 -8.03 13.61
C ASP A 357 15.01 -7.65 13.99
N GLY A 358 14.87 -6.39 14.35
CA GLY A 358 13.67 -5.92 15.00
C GLY A 358 12.58 -5.54 14.04
N TYR A 359 12.19 -6.50 13.19
CA TYR A 359 11.18 -6.19 12.18
C TYR A 359 9.91 -5.72 12.85
N ARG A 360 9.53 -6.36 13.96
CA ARG A 360 8.19 -6.18 14.49
C ARG A 360 8.07 -6.73 15.89
N THR A 361 6.93 -6.41 16.49
CA THR A 361 6.47 -6.92 17.77
C THR A 361 5.11 -7.58 17.49
N ASP A 362 4.87 -8.74 18.09
CA ASP A 362 3.63 -9.49 17.89
C ASP A 362 2.71 -9.34 19.11
N ILE A 363 1.53 -9.94 19.00
CA ILE A 363 0.58 -10.05 20.10
C ILE A 363 0.43 -11.53 20.41
N SER A 364 0.46 -11.88 21.68
CA SER A 364 0.38 -13.27 22.13
C SER A 364 -0.97 -13.54 22.76
N HIS A 365 -1.76 -14.44 22.15
CA HIS A 365 -2.99 -14.97 22.75
C HIS A 365 -2.71 -16.36 23.25
N ALA A 366 -2.97 -16.62 24.54
CA ALA A 366 -2.77 -17.96 25.05
C ALA A 366 -3.65 -18.93 24.27
N ALA A 367 -3.14 -20.15 24.05
CA ALA A 367 -3.90 -21.15 23.30
C ALA A 367 -5.30 -21.33 23.87
N LEU A 368 -6.31 -21.28 22.99
CA LEU A 368 -7.69 -21.35 23.47
C LEU A 368 -7.97 -22.68 24.16
N ASN A 369 -7.24 -23.72 23.78
CA ASN A 369 -7.37 -25.01 24.44
C ASN A 369 -6.40 -25.19 25.61
N GLY A 370 -5.89 -24.09 26.18
CA GLY A 370 -5.03 -24.15 27.35
C GLY A 370 -3.56 -24.41 27.11
N ILE A 371 -2.71 -23.59 27.73
CA ILE A 371 -1.27 -23.74 27.55
C ILE A 371 -0.79 -25.07 28.12
N ALA A 372 -1.29 -25.45 29.30
CA ALA A 372 -0.89 -26.72 29.89
C ALA A 372 -1.26 -27.89 29.01
N ASN A 373 -2.46 -27.86 28.39
CA ASN A 373 -2.81 -28.93 27.47
C ASN A 373 -1.91 -28.88 26.26
N CYS A 374 -1.60 -27.67 25.79
CA CYS A 374 -0.85 -27.54 24.55
C CYS A 374 0.62 -27.97 24.73
N ILE A 375 1.28 -27.56 25.82
CA ILE A 375 2.70 -27.89 25.97
C ILE A 375 2.91 -29.41 26.02
N ARG A 376 1.90 -30.17 26.41
CA ARG A 376 2.01 -31.63 26.52
C ARG A 376 1.74 -32.36 25.19
N ASN A 377 1.34 -31.66 24.12
CA ASN A 377 0.99 -32.29 22.84
C ASN A 377 1.89 -31.79 21.71
N GLN A 378 2.96 -32.53 21.41
CA GLN A 378 3.83 -32.18 20.28
C GLN A 378 3.07 -32.07 18.96
N SER A 379 1.90 -32.68 18.87
CA SER A 379 1.10 -32.62 17.67
C SER A 379 0.15 -31.42 17.64
N ASP A 380 0.01 -30.70 18.77
CA ASP A 380 -0.76 -29.47 18.81
C ASP A 380 -0.18 -28.48 17.80
N PRO A 381 -1.00 -27.80 17.00
CA PRO A 381 -0.46 -26.83 16.03
C PRO A 381 0.22 -25.63 16.69
N ASN A 382 -0.02 -25.37 17.97
CA ASN A 382 0.59 -24.24 18.65
C ASN A 382 1.78 -24.62 19.51
N TRP A 383 2.18 -25.89 19.49
CA TRP A 383 3.39 -26.31 20.18
C TRP A 383 4.61 -25.78 19.44
N PRO A 384 5.64 -25.35 20.17
CA PRO A 384 5.83 -25.37 21.62
C PRO A 384 5.52 -24.09 22.40
N VAL A 385 5.21 -23.04 21.67
CA VAL A 385 4.98 -21.76 22.34
C VAL A 385 3.66 -21.80 23.11
N CYS A 386 2.63 -22.41 22.53
CA CYS A 386 1.28 -22.54 23.10
C CYS A 386 0.63 -21.20 23.31
N GLU A 387 0.96 -20.26 22.43
CA GLU A 387 0.07 -19.19 22.06
C GLU A 387 -0.61 -19.55 20.73
N GLU A 388 -1.62 -18.77 20.36
CA GLU A 388 -2.26 -18.91 19.05
C GLU A 388 -1.37 -18.23 18.01
N GLY A 389 -0.67 -19.06 17.21
CA GLY A 389 0.37 -18.59 16.31
C GLY A 389 -0.11 -18.07 14.97
N SER A 390 -1.35 -18.37 14.61
CA SER A 390 -1.84 -17.97 13.31
C SER A 390 -2.06 -16.46 13.26
N ASP A 391 -2.04 -15.91 12.03
CA ASP A 391 -2.16 -14.46 11.81
C ASP A 391 -3.38 -13.79 12.46
N PRO A 392 -4.59 -14.34 12.39
CA PRO A 392 -5.75 -13.66 13.01
C PRO A 392 -5.63 -13.46 14.51
N PHE A 393 -4.63 -14.07 15.16
CA PHE A 393 -4.31 -13.81 16.56
C PHE A 393 -3.02 -13.04 16.77
N ALA A 394 -1.92 -13.52 16.16
CA ALA A 394 -0.60 -12.97 16.45
C ALA A 394 -0.50 -11.48 16.16
N HIS A 395 -1.41 -10.92 15.36
CA HIS A 395 -1.34 -9.50 15.05
C HIS A 395 -2.54 -8.70 15.53
N VAL A 396 -3.48 -9.30 16.26
CA VAL A 396 -4.82 -8.72 16.42
C VAL A 396 -5.15 -8.65 17.90
N TYR A 397 -5.60 -7.47 18.35
CA TYR A 397 -6.16 -7.28 19.67
C TYR A 397 -7.54 -7.93 19.78
N PRO A 398 -8.01 -8.17 20.99
CA PRO A 398 -9.41 -8.61 21.16
C PRO A 398 -10.39 -7.68 20.47
N SER A 399 -10.06 -6.39 20.38
CA SER A 399 -10.87 -5.41 19.65
C SER A 399 -11.06 -5.77 18.17
N GLY A 400 -10.27 -6.70 17.64
CA GLY A 400 -10.30 -7.05 16.23
C GLY A 400 -9.35 -6.26 15.37
N PHE A 401 -8.86 -5.13 15.88
CA PHE A 401 -7.88 -4.34 15.17
C PHE A 401 -6.47 -4.86 15.32
N ALA A 402 -5.67 -4.60 14.30
CA ALA A 402 -4.29 -5.03 14.25
C ALA A 402 -3.42 -4.17 15.20
N ILE A 403 -2.26 -4.73 15.56
CA ILE A 403 -1.26 -3.95 16.28
C ILE A 403 -0.75 -2.78 15.43
N GLY A 404 -0.78 -2.91 14.10
CA GLY A 404 -0.27 -1.86 13.23
C GLY A 404 -0.46 -2.25 11.79
N GLN A 405 0.09 -1.43 10.89
CA GLN A 405 -0.05 -1.67 9.45
C GLN A 405 0.55 -3.02 9.05
N SER A 406 -0.20 -3.82 8.26
CA SER A 406 0.34 -5.06 7.68
C SER A 406 1.07 -4.79 6.38
N ALA A 407 2.11 -5.58 6.13
CA ALA A 407 2.78 -5.50 4.84
C ALA A 407 2.20 -6.51 3.86
N ASP A 408 2.99 -6.90 2.88
CA ASP A 408 2.44 -7.76 1.85
C ASP A 408 1.98 -9.07 2.50
N PRO A 409 0.82 -9.60 2.12
CA PRO A 409 0.30 -10.79 2.81
C PRO A 409 1.18 -12.02 2.62
N LEU A 410 2.05 -12.06 1.60
CA LEU A 410 3.00 -13.15 1.53
C LEU A 410 4.11 -13.02 2.55
N SER A 411 4.24 -11.86 3.17
CA SER A 411 5.17 -11.76 4.27
C SER A 411 4.38 -11.28 5.47
N SER A 412 3.33 -12.03 5.78
CA SER A 412 2.35 -11.63 6.77
C SER A 412 2.93 -11.58 8.19
N TRP A 413 4.11 -12.18 8.42
CA TRP A 413 4.78 -12.02 9.69
C TRP A 413 5.15 -10.55 9.92
N LEU A 414 5.18 -9.76 8.86
CA LEU A 414 5.70 -8.40 8.89
C LEU A 414 4.58 -7.41 9.11
N VAL A 415 4.75 -6.55 10.12
CA VAL A 415 3.87 -5.43 10.40
C VAL A 415 4.75 -4.26 10.80
N ASN A 416 4.20 -3.05 10.65
CA ASN A 416 4.81 -1.79 11.10
C ASN A 416 4.44 -1.63 12.59
N SER A 417 5.35 -1.98 13.50
CA SER A 417 5.09 -1.76 14.91
C SER A 417 6.06 -0.79 15.60
N ALA A 418 6.33 0.36 14.97
CA ALA A 418 7.25 1.33 15.55
C ALA A 418 7.02 1.69 17.02
N PRO A 419 5.79 1.89 17.51
CA PRO A 419 5.62 2.36 18.90
C PRO A 419 6.22 1.41 19.92
N PHE A 420 6.53 0.18 19.54
CA PHE A 420 7.00 -0.79 20.51
C PHE A 420 8.51 -0.98 20.50
N ILE A 421 9.25 -0.26 19.65
CA ILE A 421 10.69 -0.50 19.55
C ILE A 421 11.37 -0.23 20.87
N ARG A 422 11.07 0.92 21.50
CA ARG A 422 11.77 1.31 22.72
C ARG A 422 11.58 0.27 23.81
N ASP A 423 10.38 -0.33 23.88
CA ASP A 423 10.14 -1.34 24.90
C ASP A 423 10.95 -2.61 24.65
N GLN A 424 11.06 -3.03 23.39
CA GLN A 424 11.88 -4.20 23.07
C GLN A 424 13.33 -3.94 23.42
N LEU A 425 13.85 -2.75 23.08
CA LEU A 425 15.25 -2.46 23.37
C LEU A 425 15.52 -2.39 24.86
N LYS A 426 14.61 -1.81 25.64
CA LYS A 426 14.82 -1.88 27.08
C LYS A 426 14.84 -3.34 27.56
N PHE A 427 13.89 -4.15 27.10
CA PHE A 427 13.89 -5.55 27.50
C PHE A 427 15.19 -6.27 27.08
N LEU A 428 15.63 -6.06 25.84
CA LEU A 428 16.78 -6.85 25.36
C LEU A 428 18.05 -6.44 26.08
N THR A 429 18.27 -5.13 26.25
CA THR A 429 19.50 -4.65 26.86
C THR A 429 19.54 -4.90 28.37
N GLN A 430 18.40 -5.05 29.03
CA GLN A 430 18.42 -5.43 30.44
C GLN A 430 18.52 -6.95 30.69
N THR A 431 18.02 -7.79 29.76
CA THR A 431 17.99 -9.26 29.87
C THR A 431 19.18 -9.92 29.21
N TYR A 432 19.64 -9.38 28.10
CA TYR A 432 20.76 -9.96 27.38
C TYR A 432 21.80 -8.86 27.19
N PRO A 433 22.38 -8.37 28.30
CA PRO A 433 23.34 -7.27 28.21
C PRO A 433 24.62 -7.72 27.51
N ALA A 434 25.16 -6.86 26.69
CA ALA A 434 26.43 -7.08 26.01
C ALA A 434 27.30 -5.86 26.19
N LYS A 435 28.59 -6.07 26.41
CA LYS A 435 29.47 -4.95 26.71
C LYS A 435 29.52 -3.95 25.57
N GLY A 436 29.38 -4.39 24.33
CA GLY A 436 29.39 -3.50 23.18
C GLY A 436 28.07 -2.82 22.80
N GLY A 437 26.99 -3.05 23.54
CA GLY A 437 25.70 -2.46 23.24
C GLY A 437 24.84 -3.32 22.31
N ILE A 438 23.88 -2.67 21.64
CA ILE A 438 22.87 -3.37 20.84
C ILE A 438 22.75 -2.69 19.47
N TYR A 439 22.71 -3.53 18.42
CA TYR A 439 22.43 -3.14 17.04
C TYR A 439 21.00 -3.45 16.63
N PHE A 440 20.41 -2.52 15.87
CA PHE A 440 19.21 -2.78 15.09
C PHE A 440 19.61 -3.28 13.71
N SER A 441 19.82 -4.59 13.63
CA SER A 441 20.58 -5.25 12.58
C SER A 441 19.78 -5.57 11.33
N ALA A 442 18.46 -5.40 11.38
CA ALA A 442 17.59 -5.67 10.25
C ALA A 442 16.17 -5.21 10.54
N PHE A 443 15.73 -4.22 9.77
CA PHE A 443 14.34 -3.84 9.73
C PHE A 443 14.05 -3.38 8.29
N GLY A 444 12.84 -3.63 7.78
CA GLY A 444 12.51 -3.25 6.40
C GLY A 444 11.11 -3.65 6.00
N TRP A 445 10.71 -3.21 4.80
CA TRP A 445 9.31 -3.33 4.40
C TRP A 445 9.09 -4.05 3.08
N ALA A 446 8.05 -4.85 3.03
CA ALA A 446 7.57 -5.45 1.78
C ALA A 446 6.28 -4.75 1.39
N GLU A 447 6.39 -3.75 0.52
CA GLU A 447 5.23 -2.97 0.13
C GLU A 447 4.21 -3.84 -0.61
N ASP A 448 2.92 -3.71 -0.24
CA ASP A 448 1.91 -4.67 -0.69
C ASP A 448 1.75 -4.63 -2.20
N ALA A 449 1.90 -5.80 -2.85
CA ALA A 449 1.69 -6.00 -4.28
C ALA A 449 2.65 -5.19 -5.16
N GLU A 450 3.81 -4.78 -4.60
CA GLU A 450 4.80 -4.01 -5.36
C GLU A 450 5.34 -4.76 -6.57
N TYR A 451 5.33 -6.10 -6.53
CA TYR A 451 5.72 -6.93 -7.66
C TYR A 451 4.74 -6.93 -8.83
N ASP A 452 3.53 -6.37 -8.67
CA ASP A 452 2.53 -6.31 -9.73
C ASP A 452 2.52 -4.97 -10.46
N ARG A 453 3.20 -3.98 -9.92
CA ARG A 453 3.31 -2.72 -10.63
C ARG A 453 4.10 -2.96 -11.90
N GLN A 454 3.70 -2.30 -13.00
CA GLN A 454 4.46 -2.45 -14.23
C GLN A 454 5.14 -1.16 -14.69
N LEU A 455 4.80 -0.03 -14.11
CA LEU A 455 5.42 1.22 -14.51
C LEU A 455 6.21 1.76 -13.35
N LEU A 456 7.40 2.24 -13.69
CA LEU A 456 8.39 2.58 -12.67
C LEU A 456 7.93 3.72 -11.75
N TYR A 457 7.25 4.74 -12.28
CA TYR A 457 6.87 5.84 -11.40
C TYR A 457 5.93 5.37 -10.30
N GLN A 458 5.11 4.35 -10.58
CA GLN A 458 4.23 3.82 -9.55
C GLN A 458 5.02 3.08 -8.48
N ILE A 459 6.13 2.44 -8.87
CA ILE A 459 6.95 1.70 -7.93
C ILE A 459 7.74 2.63 -7.04
N THR A 460 8.29 3.70 -7.59
CA THR A 460 9.32 4.40 -6.85
C THR A 460 8.78 5.31 -5.78
N TRP A 461 7.50 5.64 -5.83
CA TRP A 461 6.89 6.38 -4.74
C TRP A 461 6.27 5.39 -3.76
N ASP A 462 7.13 4.86 -2.86
CA ASP A 462 6.74 3.73 -2.00
C ASP A 462 6.44 4.21 -0.58
N GLY A 463 5.21 4.69 -0.38
CA GLY A 463 4.87 5.41 0.85
C GLY A 463 4.92 4.56 2.10
N LEU A 464 4.45 3.34 2.04
CA LEU A 464 4.39 2.59 3.28
C LEU A 464 5.76 2.04 3.67
N ARG A 465 6.61 1.72 2.70
CA ARG A 465 7.96 1.39 3.10
C ARG A 465 8.70 2.62 3.64
N THR A 466 8.56 3.73 2.94
CA THR A 466 9.21 5.02 3.28
C THR A 466 8.83 5.49 4.68
N GLN A 467 7.64 5.20 5.18
CA GLN A 467 7.27 5.65 6.48
C GLN A 467 7.51 4.61 7.47
N TYR A 468 7.79 3.42 7.06
CA TYR A 468 8.15 2.41 8.07
C TYR A 468 9.53 2.83 8.52
N LEU A 469 10.38 3.00 7.54
CA LEU A 469 11.76 3.23 7.97
C LEU A 469 11.84 4.48 8.86
N THR A 470 11.08 5.49 8.52
CA THR A 470 11.08 6.71 9.31
C THR A 470 10.54 6.45 10.71
N ASP A 471 9.40 5.77 10.81
CA ASP A 471 8.88 5.40 12.13
C ASP A 471 9.94 4.68 12.95
N TYR A 472 10.58 3.67 12.35
CA TYR A 472 11.52 2.85 13.11
C TYR A 472 12.74 3.64 13.52
N LEU A 473 13.32 4.39 12.58
CA LEU A 473 14.49 5.18 12.92
C LEU A 473 14.17 6.21 14.02
N SER A 474 12.98 6.83 13.94
CA SER A 474 12.58 7.80 14.97
C SER A 474 12.52 7.18 16.36
N GLN A 475 11.93 6.01 16.49
CA GLN A 475 11.89 5.38 17.80
C GLN A 475 13.28 4.95 18.24
N LEU A 476 14.11 4.57 17.28
CA LEU A 476 15.49 4.24 17.58
C LEU A 476 16.23 5.44 18.18
N LEU A 477 16.04 6.64 17.59
CA LEU A 477 16.66 7.88 18.04
C LEU A 477 16.19 8.27 19.44
N LEU A 478 14.89 8.13 19.72
CA LEU A 478 14.37 8.36 21.07
C LEU A 478 14.87 7.33 22.08
N ALA A 479 15.10 6.09 21.65
CA ALA A 479 15.66 5.11 22.56
C ALA A 479 17.02 5.55 23.06
N VAL A 480 17.80 6.19 22.19
CA VAL A 480 19.10 6.73 22.60
C VAL A 480 18.91 7.90 23.58
N HIS A 481 18.10 8.89 23.20
CA HIS A 481 18.05 10.12 23.99
C HIS A 481 17.16 10.00 25.20
N LYS A 482 16.03 9.30 25.09
CA LYS A 482 15.15 9.21 26.23
C LYS A 482 15.47 8.03 27.13
N ASP A 483 15.93 6.91 26.57
CA ASP A 483 16.14 5.68 27.35
C ASP A 483 17.60 5.32 27.59
N GLY A 484 18.57 6.07 27.03
CA GLY A 484 19.96 5.73 27.25
C GLY A 484 20.43 4.41 26.70
N ILE A 485 19.74 3.87 25.69
CA ILE A 485 20.16 2.62 25.06
C ILE A 485 21.52 2.79 24.41
N ASN A 486 22.41 1.84 24.66
CA ASN A 486 23.71 1.85 24.00
C ASN A 486 23.52 1.25 22.60
N LEU A 487 22.88 2.03 21.74
CA LEU A 487 22.51 1.54 20.41
C LEU A 487 23.67 1.81 19.46
N ARG A 488 24.17 0.77 18.82
CA ARG A 488 25.36 0.96 18.00
C ARG A 488 25.05 1.23 16.53
N GLY A 489 23.88 0.89 16.02
CA GLY A 489 23.58 1.21 14.63
C GLY A 489 22.22 0.73 14.14
N ALA A 490 21.89 1.12 12.90
CA ALA A 490 20.62 0.75 12.27
C ALA A 490 20.89 0.30 10.84
N LEU A 491 20.57 -0.96 10.57
CA LEU A 491 20.78 -1.57 9.27
C LEU A 491 19.46 -2.04 8.70
N THR A 492 19.09 -1.50 7.53
CA THR A 492 17.83 -1.81 6.89
C THR A 492 17.98 -2.98 5.92
N TRP A 493 17.03 -3.93 5.97
CA TRP A 493 16.90 -5.01 4.98
C TRP A 493 15.87 -4.67 3.91
N SER A 494 16.29 -4.42 2.66
CA SER A 494 17.65 -4.51 2.15
C SER A 494 17.88 -3.31 1.19
N PHE A 495 19.09 -3.17 0.64
CA PHE A 495 19.33 -2.10 -0.31
C PHE A 495 18.84 -2.37 -1.72
N VAL A 496 18.54 -3.61 -2.08
CA VAL A 496 18.02 -3.91 -3.40
C VAL A 496 16.94 -4.95 -3.22
N ASP A 497 15.92 -4.88 -4.08
CA ASP A 497 15.06 -6.03 -4.27
C ASP A 497 15.95 -7.20 -4.58
N ASN A 498 15.74 -8.29 -3.85
CA ASN A 498 16.62 -9.44 -4.00
C ASN A 498 15.78 -10.69 -3.90
N TRP A 499 16.47 -11.79 -3.65
CA TRP A 499 15.85 -13.10 -3.63
C TRP A 499 15.49 -13.42 -2.18
N GLU A 500 14.19 -13.43 -1.88
CA GLU A 500 13.73 -13.52 -0.50
C GLU A 500 13.31 -14.95 -0.21
N TRP A 501 14.33 -15.82 -0.25
CA TRP A 501 14.27 -17.22 0.17
C TRP A 501 13.13 -17.91 -0.59
N GLY A 502 12.23 -18.61 0.10
CA GLY A 502 11.15 -19.31 -0.58
C GLY A 502 10.27 -18.42 -1.46
N LEU A 503 10.21 -17.10 -1.18
CA LEU A 503 9.39 -16.23 -2.01
C LEU A 503 10.08 -15.76 -3.27
N GLY A 504 11.38 -16.00 -3.41
CA GLY A 504 12.17 -15.63 -4.55
C GLY A 504 12.19 -14.14 -4.78
N MET A 505 12.32 -13.74 -6.04
CA MET A 505 12.40 -12.32 -6.41
C MET A 505 11.05 -11.64 -6.44
N GLN A 506 9.99 -12.37 -6.16
CA GLN A 506 8.67 -11.75 -6.17
C GLN A 506 8.54 -10.73 -5.05
N GLN A 507 9.04 -11.06 -3.86
CA GLN A 507 8.89 -10.18 -2.71
C GLN A 507 9.99 -9.14 -2.74
N LYS A 508 9.59 -7.89 -2.58
CA LYS A 508 10.45 -6.73 -2.74
C LYS A 508 10.68 -6.06 -1.37
N PHE A 509 11.88 -6.22 -0.82
CA PHE A 509 12.21 -5.55 0.43
C PHE A 509 13.14 -4.38 0.23
N GLY A 510 13.53 -4.09 -1.00
CA GLY A 510 14.56 -3.09 -1.25
C GLY A 510 14.06 -1.67 -1.16
N PHE A 511 14.96 -0.77 -0.75
CA PHE A 511 14.70 0.62 -1.05
C PHE A 511 15.30 1.07 -2.38
N GLN A 512 15.89 0.17 -3.13
CA GLN A 512 16.16 0.38 -4.53
C GLN A 512 15.38 -0.70 -5.27
N PHE A 513 14.85 -0.36 -6.42
CA PHE A 513 14.18 -1.34 -7.25
C PHE A 513 15.22 -2.07 -8.11
N VAL A 514 15.02 -3.36 -8.40
CA VAL A 514 15.96 -4.06 -9.34
C VAL A 514 15.15 -4.58 -10.54
N ASN A 515 15.34 -4.01 -11.71
CA ASN A 515 14.52 -4.36 -12.90
C ASN A 515 14.80 -5.77 -13.37
N GLN A 516 14.13 -6.77 -12.83
CA GLN A 516 14.36 -8.16 -13.28
C GLN A 516 14.15 -8.28 -14.79
N SER A 517 13.36 -7.40 -15.36
CA SER A 517 13.14 -7.56 -16.79
C SER A 517 14.24 -6.94 -17.63
N ASP A 518 15.37 -6.59 -17.03
CA ASP A 518 16.51 -5.97 -17.72
C ASP A 518 17.75 -6.82 -17.69
N PRO A 519 18.27 -7.20 -18.80
CA PRO A 519 19.46 -8.07 -18.68
C PRO A 519 20.51 -7.52 -17.78
N ASP A 520 20.59 -6.20 -17.71
CA ASP A 520 21.55 -5.54 -16.86
C ASP A 520 21.09 -5.37 -15.42
N LEU A 521 19.88 -5.79 -15.13
CA LEU A 521 19.30 -5.65 -13.84
C LEU A 521 19.45 -4.26 -13.34
N THR A 522 19.48 -3.30 -14.24
CA THR A 522 19.65 -1.88 -13.94
C THR A 522 18.97 -1.49 -12.70
N ARG A 523 19.55 -0.52 -12.00
CA ARG A 523 19.10 0.00 -10.74
C ARG A 523 18.48 1.37 -10.75
N THR A 524 17.59 1.62 -9.79
CA THR A 524 16.83 2.88 -9.65
C THR A 524 16.31 3.01 -8.23
N PHE A 525 16.55 4.14 -7.59
CA PHE A 525 16.23 4.56 -6.22
C PHE A 525 14.72 4.67 -6.00
N LYS A 526 14.22 4.09 -4.92
CA LYS A 526 12.86 4.39 -4.52
C LYS A 526 12.84 5.61 -3.61
N LEU A 527 11.62 6.11 -3.34
CA LEU A 527 11.46 7.21 -2.39
C LEU A 527 12.00 6.85 -1.03
N SER A 528 11.80 5.59 -0.63
CA SER A 528 12.27 5.14 0.68
C SER A 528 13.77 5.28 0.83
N ALA A 529 14.55 5.11 -0.25
CA ALA A 529 16.00 5.31 -0.17
C ALA A 529 16.35 6.75 0.17
N HIS A 530 15.62 7.70 -0.43
CA HIS A 530 15.90 9.11 -0.17
C HIS A 530 15.43 9.52 1.21
N ALA A 531 14.35 8.93 1.70
CA ALA A 531 13.97 9.14 3.09
C ALA A 531 15.07 8.62 4.02
N TYR A 532 15.62 7.44 3.71
CA TYR A 532 16.74 6.93 4.49
C TYR A 532 17.93 7.87 4.42
N ALA A 533 18.27 8.34 3.23
CA ALA A 533 19.40 9.25 3.11
C ALA A 533 19.21 10.52 3.93
N GLN A 534 18.04 11.15 3.81
CA GLN A 534 17.74 12.39 4.52
C GLN A 534 17.73 12.23 6.02
N PHE A 535 17.15 11.14 6.53
CA PHE A 535 17.19 10.91 7.97
C PHE A 535 18.63 10.87 8.43
N GLY A 536 19.49 10.19 7.65
CA GLY A 536 20.92 10.24 7.92
C GLY A 536 21.48 11.67 7.92
N ARG A 537 21.07 12.47 6.93
CA ARG A 537 21.55 13.84 6.83
C ARG A 537 21.12 14.66 8.05
N ASN A 538 19.90 14.45 8.52
CA ASN A 538 19.41 15.24 9.63
C ASN A 538 19.93 14.83 11.00
N HIS A 539 20.30 13.55 11.19
CA HIS A 539 20.49 13.04 12.53
C HIS A 539 21.82 12.34 12.72
N LEU A 540 22.73 12.43 11.75
CA LEU A 540 24.10 11.97 11.90
C LEU A 540 25.05 13.15 12.11
N HIS A 541 26.13 12.86 12.83
CA HIS A 541 27.24 13.80 12.96
C HIS A 541 28.06 13.90 11.66
N HIS A 542 28.54 15.13 11.40
CA HIS A 542 29.40 15.52 10.28
C HIS A 542 29.92 16.96 10.59
N GLY B 1 -50.39 4.42 -22.91
CA GLY B 1 -49.18 3.84 -22.33
C GLY B 1 -49.42 2.64 -21.42
N THR B 2 -48.46 2.29 -20.55
CA THR B 2 -48.57 1.15 -19.62
C THR B 2 -47.49 1.18 -18.54
N ALA B 3 -46.86 0.03 -18.36
CA ALA B 3 -45.80 -0.24 -17.41
C ALA B 3 -44.98 -1.29 -18.14
N GLU B 4 -44.68 -0.97 -19.42
CA GLU B 4 -43.95 -1.73 -20.42
C GLU B 4 -42.51 -1.84 -19.94
N LEU B 5 -42.42 -1.72 -18.63
CA LEU B 5 -41.20 -1.86 -17.86
C LEU B 5 -40.73 -3.28 -18.10
N ASP B 6 -41.70 -4.20 -18.09
CA ASP B 6 -41.44 -5.61 -18.32
C ASP B 6 -40.71 -5.82 -19.64
N ALA B 7 -41.11 -5.14 -20.71
CA ALA B 7 -40.35 -5.30 -21.95
C ALA B 7 -38.88 -4.91 -21.75
N LEU B 8 -38.65 -3.79 -21.01
CA LEU B 8 -37.30 -3.29 -20.75
C LEU B 8 -36.49 -4.20 -19.84
N TRP B 9 -37.09 -4.68 -18.76
CA TRP B 9 -36.33 -5.53 -17.87
C TRP B 9 -36.06 -6.89 -18.47
N ASN B 10 -37.00 -7.42 -19.27
CA ASN B 10 -36.74 -8.63 -20.03
C ASN B 10 -35.54 -8.46 -20.96
N LEU B 11 -35.45 -7.33 -21.65
CA LEU B 11 -34.28 -7.06 -22.47
C LEU B 11 -33.01 -7.19 -21.62
N VAL B 12 -32.94 -6.48 -20.50
CA VAL B 12 -31.76 -6.50 -19.64
C VAL B 12 -31.46 -7.93 -19.16
N GLU B 13 -32.50 -8.67 -18.73
CA GLU B 13 -32.31 -10.01 -18.16
C GLU B 13 -32.31 -11.09 -19.22
N ALA B 14 -32.07 -10.73 -20.48
CA ALA B 14 -32.17 -11.70 -21.55
C ALA B 14 -31.07 -12.74 -21.44
N GLN B 15 -29.88 -12.32 -21.00
CA GLN B 15 -28.83 -13.31 -20.81
C GLN B 15 -28.84 -13.90 -19.41
N TYR B 16 -29.01 -13.05 -18.42
CA TYR B 16 -29.17 -13.59 -17.09
C TYR B 16 -29.95 -12.59 -16.25
N PRO B 17 -30.76 -13.07 -15.31
CA PRO B 17 -31.69 -12.19 -14.61
C PRO B 17 -31.02 -11.39 -13.49
N VAL B 18 -31.76 -10.37 -13.07
CA VAL B 18 -31.34 -9.57 -11.92
C VAL B 18 -31.32 -10.47 -10.69
N GLN B 19 -30.21 -10.46 -9.98
CA GLN B 19 -30.09 -11.18 -8.72
C GLN B 19 -30.72 -10.42 -7.56
N THR B 20 -31.27 -11.17 -6.63
CA THR B 20 -31.98 -10.63 -5.49
C THR B 20 -31.09 -10.85 -4.25
N ALA B 21 -30.91 -9.80 -3.46
CA ALA B 21 -30.06 -9.83 -2.27
C ALA B 21 -30.66 -10.76 -1.24
N ALA B 22 -29.83 -11.16 -0.26
CA ALA B 22 -30.36 -11.99 0.81
C ALA B 22 -31.32 -11.20 1.70
N VAL B 23 -31.17 -9.88 1.76
CA VAL B 23 -32.03 -9.05 2.59
C VAL B 23 -32.82 -8.12 1.67
N THR B 24 -34.15 -8.22 1.71
CA THR B 24 -34.92 -7.33 0.84
C THR B 24 -36.02 -6.66 1.65
N THR B 25 -35.84 -6.56 2.95
CA THR B 25 -36.61 -5.73 3.85
C THR B 25 -35.77 -4.56 4.38
N LEU B 26 -36.41 -3.44 4.69
CA LEU B 26 -35.88 -2.41 5.60
C LEU B 26 -35.41 -2.95 6.96
N VAL B 27 -34.11 -2.86 7.22
CA VAL B 27 -33.55 -3.21 8.53
C VAL B 27 -33.98 -2.21 9.60
N THR B 28 -34.09 -2.70 10.84
CA THR B 28 -34.28 -1.78 11.97
C THR B 28 -33.05 -1.86 12.84
N VAL B 29 -32.65 -0.68 13.31
CA VAL B 29 -31.43 -0.49 14.10
C VAL B 29 -31.80 -0.62 15.58
N PRO B 30 -31.32 -1.63 16.28
CA PRO B 30 -31.58 -1.70 17.73
C PRO B 30 -30.97 -0.53 18.50
N ASP B 31 -31.68 -0.03 19.52
CA ASP B 31 -31.10 1.07 20.30
C ASP B 31 -29.78 0.74 20.97
N ASP B 32 -29.53 -0.53 21.23
CA ASP B 32 -28.29 -1.02 21.84
C ASP B 32 -27.28 -1.45 20.81
N TYR B 33 -27.35 -0.95 19.59
CA TYR B 33 -26.42 -1.43 18.59
C TYR B 33 -25.00 -1.18 19.06
N LYS B 34 -24.22 -2.26 19.06
CA LYS B 34 -22.85 -2.29 19.53
C LYS B 34 -21.91 -2.20 18.34
N PHE B 35 -21.15 -1.12 18.28
CA PHE B 35 -20.13 -0.93 17.26
C PHE B 35 -18.87 -1.76 17.56
N GLU B 36 -18.15 -2.13 16.51
CA GLU B 36 -16.90 -2.84 16.75
C GLU B 36 -15.96 -1.89 17.47
N ALA B 37 -15.00 -2.47 18.20
CA ALA B 37 -14.17 -1.64 19.06
C ALA B 37 -13.27 -0.73 18.26
N ASP B 38 -12.88 0.37 18.89
CA ASP B 38 -11.96 1.32 18.31
C ASP B 38 -10.57 0.74 18.11
N PRO B 39 -9.80 1.32 17.18
CA PRO B 39 -8.43 0.87 16.98
C PRO B 39 -7.57 1.29 18.15
N PRO B 40 -6.34 0.82 18.22
CA PRO B 40 -5.47 1.25 19.31
C PRO B 40 -5.35 2.76 19.32
N SER B 41 -5.30 3.31 20.54
CA SER B 41 -5.26 4.75 20.70
C SER B 41 -4.02 5.35 20.06
N TYR B 42 -2.97 4.53 19.99
CA TYR B 42 -1.68 4.98 19.43
C TYR B 42 -1.71 4.87 17.92
N ALA B 43 -2.89 4.96 17.33
CA ALA B 43 -2.97 5.00 15.85
C ALA B 43 -3.17 6.47 15.49
N LEU B 44 -3.56 6.79 14.26
CA LEU B 44 -3.82 8.20 13.85
C LEU B 44 -2.69 9.22 14.13
N ALA B 45 -1.44 8.85 14.39
CA ALA B 45 -0.43 9.85 14.77
C ALA B 45 0.50 10.01 13.61
N GLY B 46 0.88 11.23 13.32
CA GLY B 46 1.83 11.50 12.22
C GLY B 46 1.13 11.71 10.91
N TYR B 47 -0.19 11.83 11.00
CA TYR B 47 -1.11 12.07 9.88
C TYR B 47 -1.45 13.54 9.96
N GLU B 48 -1.95 13.92 11.14
CA GLU B 48 -2.24 15.32 11.44
C GLU B 48 -0.87 15.91 11.75
N THR B 49 -0.49 16.96 11.05
CA THR B 49 0.83 17.59 11.21
C THR B 49 0.73 18.74 12.21
N SER B 50 1.84 19.40 12.51
CA SER B 50 1.79 20.50 13.49
C SER B 50 1.28 21.77 12.81
N GLU B 51 1.37 21.82 11.48
CA GLU B 51 1.07 23.00 10.64
C GLU B 51 -0.41 23.32 10.61
N ILE B 52 -1.29 22.40 10.93
CA ILE B 52 -2.75 22.73 10.89
C ILE B 52 -3.29 22.66 12.31
N ALA B 53 -2.55 23.20 13.26
CA ALA B 53 -2.91 23.10 14.69
C ALA B 53 -3.81 24.26 15.10
N GLY B 54 -4.85 24.02 15.89
CA GLY B 54 -5.71 25.11 16.26
C GLY B 54 -6.62 25.64 15.17
N LEU B 55 -6.49 25.16 13.94
CA LEU B 55 -7.31 25.67 12.84
C LEU B 55 -8.66 24.97 12.82
N LYS B 56 -9.72 25.73 12.57
CA LYS B 56 -11.06 25.16 12.52
C LYS B 56 -11.73 25.44 11.17
N PHE B 57 -12.53 24.48 10.68
CA PHE B 57 -13.46 24.77 9.57
C PHE B 57 -14.55 25.76 9.99
N PRO B 58 -15.13 26.49 9.03
CA PRO B 58 -16.24 27.39 9.35
C PRO B 58 -17.44 26.70 9.94
N LYS B 59 -18.19 27.47 10.73
CA LYS B 59 -19.47 27.01 11.24
C LYS B 59 -20.34 26.58 10.08
N GLY B 60 -20.99 25.44 10.25
CA GLY B 60 -21.87 24.90 9.24
C GLY B 60 -21.17 24.09 8.17
N PHE B 61 -19.84 23.94 8.25
CA PHE B 61 -19.08 23.20 7.26
C PHE B 61 -19.60 21.79 7.11
N LYS B 62 -19.83 21.37 5.87
CA LYS B 62 -20.37 20.04 5.62
C LYS B 62 -19.24 19.04 5.61
N PHE B 63 -19.16 18.24 6.67
CA PHE B 63 -18.10 17.26 6.86
C PHE B 63 -18.78 15.90 6.74
N GLY B 64 -18.63 15.27 5.58
CA GLY B 64 -19.50 14.19 5.18
C GLY B 64 -18.90 13.20 4.21
N VAL B 65 -19.75 12.37 3.61
CA VAL B 65 -19.40 11.25 2.74
C VAL B 65 -20.24 11.33 1.49
N ALA B 66 -19.82 10.65 0.43
CA ALA B 66 -20.57 10.68 -0.82
C ALA B 66 -20.82 9.26 -1.28
N GLY B 67 -22.01 9.04 -1.84
CA GLY B 67 -22.34 7.83 -2.54
C GLY B 67 -23.19 8.20 -3.74
N ALA B 68 -23.54 7.20 -4.54
CA ALA B 68 -24.38 7.35 -5.73
C ALA B 68 -25.35 6.17 -5.85
N ALA B 69 -26.52 6.43 -6.42
CA ALA B 69 -27.62 5.46 -6.38
C ALA B 69 -27.20 4.10 -6.93
N ILE B 70 -26.69 4.05 -8.17
CA ILE B 70 -26.43 2.75 -8.80
C ILE B 70 -25.19 2.07 -8.19
N GLN B 71 -24.33 2.85 -7.51
CA GLN B 71 -23.11 2.36 -6.89
C GLN B 71 -23.30 1.74 -5.50
N VAL B 72 -24.33 2.12 -4.76
CA VAL B 72 -24.46 1.61 -3.39
C VAL B 72 -25.78 0.96 -3.12
N GLU B 73 -26.83 1.27 -3.90
CA GLU B 73 -28.18 0.90 -3.52
C GLU B 73 -28.43 -0.57 -3.74
N GLY B 74 -28.10 -1.07 -4.95
CA GLY B 74 -28.61 -2.36 -5.32
C GLY B 74 -30.11 -2.24 -5.61
N ALA B 75 -30.83 -3.29 -5.29
CA ALA B 75 -32.27 -3.28 -5.49
C ALA B 75 -32.61 -2.80 -6.89
N ALA B 76 -31.85 -3.29 -7.87
CA ALA B 76 -31.93 -2.73 -9.20
C ALA B 76 -33.35 -2.82 -9.76
N LYS B 77 -34.15 -3.80 -9.32
CA LYS B 77 -35.54 -3.95 -9.78
C LYS B 77 -36.58 -3.75 -8.68
N ALA B 78 -36.19 -3.36 -7.48
CA ALA B 78 -37.12 -3.30 -6.36
C ALA B 78 -38.10 -2.15 -6.54
N GLU B 79 -39.34 -2.37 -6.10
CA GLU B 79 -40.33 -1.31 -5.93
C GLU B 79 -40.48 -0.46 -7.18
N GLY B 80 -40.53 -1.12 -8.35
CA GLY B 80 -40.92 -0.41 -9.55
C GLY B 80 -39.83 0.26 -10.33
N ARG B 81 -38.58 0.10 -9.94
CA ARG B 81 -37.50 0.80 -10.63
C ARG B 81 -37.42 0.30 -12.07
N GLY B 82 -37.15 1.22 -12.99
CA GLY B 82 -36.89 0.86 -14.36
C GLY B 82 -35.42 0.68 -14.61
N PRO B 83 -35.06 0.07 -15.73
CA PRO B 83 -33.64 -0.21 -15.96
C PRO B 83 -32.89 1.00 -16.45
N SER B 84 -31.66 1.06 -16.02
CA SER B 84 -30.76 2.06 -16.57
C SER B 84 -29.88 1.45 -17.64
N THR B 85 -29.12 2.32 -18.29
CA THR B 85 -28.18 1.86 -19.31
C THR B 85 -27.11 0.93 -18.69
N TRP B 86 -26.79 1.12 -17.41
CA TRP B 86 -25.79 0.29 -16.75
C TRP B 86 -26.33 -1.08 -16.39
N ASP B 87 -27.62 -1.16 -16.07
CA ASP B 87 -28.27 -2.45 -15.91
C ASP B 87 -28.16 -3.25 -17.21
N TYR B 88 -28.42 -2.60 -18.33
CA TYR B 88 -28.29 -3.27 -19.62
C TYR B 88 -26.85 -3.70 -19.87
N LEU B 89 -25.92 -2.74 -19.77
CA LEU B 89 -24.52 -2.99 -20.07
C LEU B 89 -23.98 -4.22 -19.34
N CYS B 90 -24.13 -4.24 -18.01
CA CYS B 90 -23.51 -5.26 -17.19
C CYS B 90 -24.23 -6.58 -17.22
N HIS B 91 -25.43 -6.63 -17.73
CA HIS B 91 -26.10 -7.92 -17.89
C HIS B 91 -25.86 -8.51 -19.27
N HIS B 92 -25.19 -7.77 -20.14
CA HIS B 92 -24.93 -8.16 -21.52
C HIS B 92 -23.45 -8.20 -21.87
N TYR B 93 -22.62 -7.41 -21.20
CA TYR B 93 -21.20 -7.34 -21.52
C TYR B 93 -20.39 -7.48 -20.24
N ALA B 94 -20.90 -8.29 -19.31
CA ALA B 94 -20.31 -8.38 -17.98
C ALA B 94 -18.84 -8.72 -18.09
N SER B 95 -18.52 -9.62 -19.00
CA SER B 95 -17.17 -10.10 -19.05
C SER B 95 -16.21 -9.12 -19.68
N THR B 96 -16.69 -8.21 -20.53
CA THR B 96 -15.79 -7.25 -21.15
C THR B 96 -15.87 -5.81 -20.68
N GLN B 97 -17.01 -5.38 -20.11
CA GLN B 97 -17.19 -4.00 -19.65
C GLN B 97 -17.41 -3.85 -18.15
N CYS B 98 -17.74 -4.91 -17.43
CA CYS B 98 -18.12 -4.69 -16.05
C CYS B 98 -17.36 -5.60 -15.11
N ASN B 99 -16.20 -6.13 -15.53
CA ASN B 99 -15.34 -6.95 -14.65
C ASN B 99 -16.12 -8.09 -14.00
N ASN B 100 -17.13 -8.57 -14.70
CA ASN B 100 -17.97 -9.68 -14.26
C ASN B 100 -18.79 -9.34 -13.02
N TYR B 101 -19.08 -8.06 -12.83
CA TYR B 101 -20.02 -7.63 -11.82
C TYR B 101 -21.24 -6.97 -12.48
N ASP B 102 -22.25 -6.72 -11.67
CA ASP B 102 -23.36 -5.89 -12.08
C ASP B 102 -23.86 -5.15 -10.85
N PRO B 103 -24.69 -4.10 -11.03
CA PRO B 103 -25.20 -3.36 -9.87
C PRO B 103 -26.51 -3.88 -9.30
N ASP B 104 -26.78 -5.16 -9.49
CA ASP B 104 -28.05 -5.69 -9.05
C ASP B 104 -28.24 -5.52 -7.57
N ILE B 105 -27.19 -5.82 -6.79
CA ILE B 105 -27.28 -5.89 -5.34
C ILE B 105 -26.31 -4.92 -4.67
N THR B 106 -25.05 -4.92 -5.09
CA THR B 106 -24.04 -3.93 -4.63
C THR B 106 -23.85 -4.02 -3.11
N THR B 107 -23.96 -2.93 -2.35
CA THR B 107 -23.85 -3.00 -0.89
C THR B 107 -25.21 -3.16 -0.22
N ASN B 108 -26.27 -3.20 -1.03
CA ASN B 108 -27.65 -3.37 -0.59
C ASN B 108 -28.08 -2.21 0.28
N HIS B 109 -27.47 -1.05 0.05
CA HIS B 109 -27.77 0.16 0.82
C HIS B 109 -29.24 0.58 0.65
N TYR B 110 -29.91 0.10 -0.41
CA TYR B 110 -31.34 0.39 -0.57
C TYR B 110 -32.13 -0.02 0.66
N TYR B 111 -31.74 -1.14 1.30
CA TYR B 111 -32.41 -1.68 2.47
C TYR B 111 -31.69 -1.47 3.78
N LEU B 112 -30.39 -1.19 3.76
CA LEU B 112 -29.56 -1.05 4.97
C LEU B 112 -29.26 0.40 5.34
N TYR B 113 -29.86 1.38 4.67
CA TYR B 113 -29.51 2.77 4.97
C TYR B 113 -29.70 3.13 6.45
N PRO B 114 -30.72 2.63 7.19
CA PRO B 114 -30.78 3.01 8.62
C PRO B 114 -29.58 2.60 9.43
N LEU B 115 -29.07 1.38 9.22
CA LEU B 115 -27.85 0.97 9.90
C LEU B 115 -26.63 1.74 9.42
N ASP B 116 -26.53 1.97 8.11
CA ASP B 116 -25.41 2.76 7.61
C ASP B 116 -25.32 4.12 8.30
N PHE B 117 -26.46 4.79 8.46
CA PHE B 117 -26.49 6.12 9.06
C PHE B 117 -26.16 6.07 10.56
N ALA B 118 -26.66 5.04 11.24
CA ALA B 118 -26.32 4.90 12.63
C ALA B 118 -24.82 4.77 12.78
N ARG B 119 -24.19 4.02 11.87
CA ARG B 119 -22.75 3.87 11.91
C ARG B 119 -22.04 5.16 11.52
N LEU B 120 -22.59 5.91 10.56
CA LEU B 120 -22.02 7.21 10.23
C LEU B 120 -22.14 8.18 11.39
N GLN B 121 -23.27 8.14 12.10
CA GLN B 121 -23.43 9.00 13.27
C GLN B 121 -22.40 8.68 14.35
N HIS B 122 -22.11 7.38 14.57
CA HIS B 122 -21.07 6.96 15.51
C HIS B 122 -19.72 7.60 15.20
N LEU B 123 -19.45 7.93 13.94
CA LEU B 123 -18.22 8.60 13.58
C LEU B 123 -18.38 10.13 13.57
N GLY B 124 -19.58 10.65 13.89
CA GLY B 124 -19.78 12.08 13.84
C GLY B 124 -19.89 12.73 12.48
N ILE B 125 -20.14 11.95 11.44
CA ILE B 125 -20.50 12.53 10.14
C ILE B 125 -21.76 13.39 10.27
N ASN B 126 -21.73 14.57 9.62
CA ASN B 126 -22.88 15.48 9.61
C ASN B 126 -23.46 15.76 8.24
N THR B 127 -22.99 15.12 7.16
CA THR B 127 -23.47 15.41 5.82
C THR B 127 -23.45 14.13 5.01
N TYR B 128 -24.50 13.90 4.22
CA TYR B 128 -24.65 12.69 3.42
C TYR B 128 -24.98 13.11 1.99
N SER B 129 -24.05 12.89 1.06
CA SER B 129 -24.25 13.21 -0.35
C SER B 129 -24.70 11.97 -1.08
N PHE B 130 -25.79 12.10 -1.82
CA PHE B 130 -26.37 10.96 -2.52
C PHE B 130 -26.96 11.44 -3.83
N SER B 131 -27.22 10.48 -4.72
CA SER B 131 -27.91 10.73 -5.97
C SER B 131 -29.19 9.90 -6.04
N ILE B 132 -30.12 10.36 -6.87
CA ILE B 132 -31.40 9.72 -7.07
C ILE B 132 -31.40 8.89 -8.36
N SER B 133 -31.84 7.65 -8.28
CA SER B 133 -31.94 6.93 -9.54
C SER B 133 -33.14 7.46 -10.28
N TRP B 134 -32.86 8.16 -11.39
CA TRP B 134 -33.89 8.71 -12.25
C TRP B 134 -34.94 7.66 -12.55
N THR B 135 -34.48 6.42 -12.79
CA THR B 135 -35.36 5.31 -13.13
C THR B 135 -36.19 4.83 -11.94
N ARG B 136 -35.87 5.19 -10.70
CA ARG B 136 -36.80 4.91 -9.62
C ARG B 136 -37.97 5.87 -9.62
N ILE B 137 -37.81 7.04 -10.23
CA ILE B 137 -38.83 8.08 -10.25
C ILE B 137 -39.66 7.99 -11.51
N TYR B 138 -39.00 7.90 -12.66
CA TYR B 138 -39.65 7.70 -13.95
C TYR B 138 -39.07 6.42 -14.52
N PRO B 139 -39.70 5.26 -14.27
CA PRO B 139 -39.07 3.98 -14.68
C PRO B 139 -38.78 3.93 -16.16
N LEU B 140 -39.54 4.68 -16.98
CA LEU B 140 -39.26 4.79 -18.41
C LEU B 140 -38.59 6.10 -18.74
N GLY B 141 -38.07 6.80 -17.73
CA GLY B 141 -37.42 8.07 -17.91
C GLY B 141 -38.36 9.23 -18.03
N ALA B 142 -39.45 9.04 -18.77
CA ALA B 142 -40.52 10.00 -18.91
C ALA B 142 -41.83 9.25 -18.79
N GLY B 143 -42.94 9.97 -18.66
CA GLY B 143 -44.23 9.33 -18.61
C GLY B 143 -44.64 9.03 -17.19
N TYR B 144 -44.96 7.76 -16.90
CA TYR B 144 -45.60 7.50 -15.62
C TYR B 144 -44.55 7.56 -14.54
N VAL B 145 -44.97 8.04 -13.37
CA VAL B 145 -44.10 8.22 -12.23
C VAL B 145 -44.30 7.08 -11.23
N ASN B 146 -43.23 6.67 -10.56
CA ASN B 146 -43.31 5.54 -9.64
C ASN B 146 -43.35 6.14 -8.24
N GLU B 147 -44.55 6.18 -7.65
CA GLU B 147 -44.70 6.83 -6.35
C GLU B 147 -43.86 6.13 -5.29
N ALA B 148 -43.71 4.81 -5.41
CA ALA B 148 -42.87 4.06 -4.49
C ALA B 148 -41.44 4.53 -4.56
N GLY B 149 -40.97 4.94 -5.74
CA GLY B 149 -39.62 5.44 -5.84
C GLY B 149 -39.48 6.75 -5.10
N LEU B 150 -40.42 7.70 -5.32
CA LEU B 150 -40.39 8.96 -4.58
C LEU B 150 -40.50 8.74 -3.08
N ALA B 151 -41.34 7.78 -2.67
CA ALA B 151 -41.54 7.52 -1.26
C ALA B 151 -40.33 6.88 -0.60
N HIS B 152 -39.56 6.05 -1.32
CA HIS B 152 -38.35 5.46 -0.74
C HIS B 152 -37.39 6.54 -0.24
N TYR B 153 -37.11 7.55 -1.06
CA TYR B 153 -36.14 8.56 -0.67
C TYR B 153 -36.67 9.49 0.43
N ASP B 154 -37.99 9.69 0.52
CA ASP B 154 -38.57 10.29 1.72
C ASP B 154 -38.08 9.60 2.98
N ALA B 155 -38.14 8.27 3.00
CA ALA B 155 -37.73 7.55 4.19
C ALA B 155 -36.23 7.67 4.39
N VAL B 156 -35.43 7.68 3.30
CA VAL B 156 -33.99 7.85 3.43
C VAL B 156 -33.67 9.21 4.04
N ILE B 157 -34.26 10.27 3.47
CA ILE B 157 -33.99 11.65 3.91
C ILE B 157 -34.40 11.84 5.35
N HIS B 158 -35.55 11.32 5.73
CA HIS B 158 -35.97 11.49 7.11
C HIS B 158 -35.02 10.75 8.05
N SER B 159 -34.64 9.50 7.73
CA SER B 159 -33.67 8.75 8.56
C SER B 159 -32.30 9.43 8.63
N ALA B 160 -31.80 9.97 7.50
CA ALA B 160 -30.51 10.66 7.53
C ALA B 160 -30.51 11.82 8.51
N LYS B 161 -31.53 12.68 8.40
CA LYS B 161 -31.66 13.81 9.29
C LYS B 161 -31.77 13.33 10.73
N LYS B 162 -32.46 12.21 10.94
CA LYS B 162 -32.54 11.63 12.28
C LYS B 162 -31.17 11.26 12.84
N TYR B 163 -30.22 10.88 12.00
CA TYR B 163 -28.90 10.52 12.49
C TYR B 163 -27.89 11.65 12.42
N GLY B 164 -28.35 12.89 12.25
CA GLY B 164 -27.47 14.04 12.26
C GLY B 164 -26.78 14.34 10.94
N LEU B 165 -27.35 13.85 9.83
CA LEU B 165 -26.73 13.89 8.51
C LEU B 165 -27.58 14.84 7.65
N GLU B 166 -27.02 16.01 7.29
CA GLU B 166 -27.72 16.96 6.40
C GLU B 166 -27.72 16.38 4.99
N PRO B 167 -28.88 16.19 4.35
CA PRO B 167 -28.86 15.50 3.05
C PRO B 167 -28.52 16.45 1.92
N VAL B 168 -27.63 16.00 1.04
CA VAL B 168 -27.19 16.76 -0.11
C VAL B 168 -27.46 15.91 -1.33
N GLY B 169 -28.24 16.45 -2.27
CA GLY B 169 -28.85 15.65 -3.32
C GLY B 169 -28.25 15.96 -4.68
N THR B 170 -27.94 14.91 -5.41
CA THR B 170 -27.52 14.96 -6.80
C THR B 170 -28.64 14.35 -7.67
N VAL B 171 -29.06 15.10 -8.67
CA VAL B 171 -30.18 14.62 -9.48
C VAL B 171 -29.77 13.50 -10.41
N PHE B 172 -28.60 13.59 -11.04
CA PHE B 172 -28.24 12.57 -12.01
C PHE B 172 -26.79 12.16 -11.83
N HIS B 173 -26.58 10.88 -11.47
CA HIS B 173 -25.25 10.32 -11.34
C HIS B 173 -25.13 9.11 -12.28
N TRP B 174 -25.30 9.36 -13.57
CA TRP B 174 -24.97 8.52 -14.74
C TRP B 174 -25.96 7.37 -15.07
N ASP B 175 -27.04 7.18 -14.31
CA ASP B 175 -27.93 6.03 -14.52
C ASP B 175 -29.09 6.40 -15.46
N THR B 176 -28.71 6.67 -16.73
CA THR B 176 -29.65 7.04 -17.80
C THR B 176 -30.75 5.99 -17.96
N PRO B 177 -32.01 6.38 -18.03
CA PRO B 177 -33.05 5.38 -18.30
C PRO B 177 -32.76 4.71 -19.62
N LEU B 178 -32.72 3.38 -19.59
CA LEU B 178 -32.44 2.67 -20.82
C LEU B 178 -33.47 3.02 -21.88
N SER B 179 -34.75 3.09 -21.48
CA SER B 179 -35.83 3.40 -22.40
C SER B 179 -35.57 4.68 -23.20
N LEU B 180 -35.07 5.74 -22.52
CA LEU B 180 -34.84 7.00 -23.24
C LEU B 180 -33.70 6.86 -24.23
N MET B 181 -32.69 6.06 -23.90
CA MET B 181 -31.61 5.84 -24.86
C MET B 181 -32.14 5.17 -26.09
N LEU B 182 -32.98 4.16 -25.90
CA LEU B 182 -33.56 3.43 -27.02
C LEU B 182 -34.54 4.26 -27.81
N LYS B 183 -35.43 5.01 -27.12
CA LYS B 183 -36.47 5.79 -27.79
C LYS B 183 -35.88 6.80 -28.78
N TYR B 184 -34.97 7.65 -28.30
CA TYR B 184 -34.47 8.73 -29.13
C TYR B 184 -33.01 9.03 -28.85
N GLY B 185 -32.28 8.12 -28.21
CA GLY B 185 -30.91 8.32 -27.85
C GLY B 185 -30.89 9.03 -26.50
N ALA B 186 -29.80 8.92 -25.78
CA ALA B 186 -29.80 9.70 -24.55
C ALA B 186 -29.58 11.15 -24.90
N TRP B 187 -28.48 11.60 -24.39
CA TRP B 187 -27.87 12.91 -24.43
C TRP B 187 -27.34 13.19 -25.82
N GLN B 188 -27.43 12.19 -26.72
CA GLN B 188 -27.12 12.37 -28.13
C GLN B 188 -28.30 12.88 -28.92
N ASP B 189 -29.44 13.07 -28.26
CA ASP B 189 -30.64 13.64 -28.85
C ASP B 189 -30.27 14.79 -29.77
N THR B 190 -30.62 14.69 -31.04
CA THR B 190 -30.35 15.83 -31.90
C THR B 190 -31.44 16.87 -31.75
N GLY B 191 -32.58 16.49 -31.20
CA GLY B 191 -33.63 17.42 -30.84
C GLY B 191 -33.49 17.97 -29.44
N ASP B 192 -34.62 18.13 -28.75
CA ASP B 192 -34.53 18.62 -27.39
C ASP B 192 -35.43 17.87 -26.41
N GLN B 193 -35.87 16.66 -26.79
CA GLN B 193 -36.69 15.87 -25.88
C GLN B 193 -35.97 15.47 -24.60
N ILE B 194 -34.66 15.21 -24.64
CA ILE B 194 -33.95 14.82 -23.42
C ILE B 194 -33.96 15.92 -22.38
N VAL B 195 -33.89 17.17 -22.83
CA VAL B 195 -33.98 18.30 -21.90
C VAL B 195 -35.36 18.31 -21.27
N LYS B 196 -36.40 18.20 -22.09
CA LYS B 196 -37.75 18.17 -21.54
C LYS B 196 -37.92 17.03 -20.55
N ASP B 197 -37.39 15.84 -20.89
CA ASP B 197 -37.59 14.71 -20.01
C ASP B 197 -36.81 14.89 -18.71
N PHE B 198 -35.57 15.36 -18.80
CA PHE B 198 -34.82 15.61 -17.58
C PHE B 198 -35.48 16.67 -16.70
N VAL B 199 -35.99 17.75 -17.31
CA VAL B 199 -36.55 18.85 -16.52
C VAL B 199 -37.81 18.39 -15.82
N THR B 200 -38.62 17.61 -16.51
CA THR B 200 -39.79 17.05 -15.89
C THR B 200 -39.38 16.23 -14.68
N TYR B 201 -38.35 15.39 -14.86
CA TYR B 201 -37.80 14.58 -13.78
C TYR B 201 -37.24 15.41 -12.65
N ALA B 202 -36.39 16.39 -12.97
CA ALA B 202 -35.82 17.21 -11.90
C ALA B 202 -36.89 17.93 -11.11
N THR B 203 -37.91 18.44 -11.79
CA THR B 203 -38.99 19.15 -11.10
C THR B 203 -39.67 18.26 -10.10
N THR B 204 -39.94 17.00 -10.46
CA THR B 204 -40.61 16.13 -9.52
C THR B 204 -39.81 15.97 -8.24
N VAL B 205 -38.50 15.75 -8.34
CA VAL B 205 -37.74 15.57 -7.11
C VAL B 205 -37.57 16.89 -6.35
N PHE B 206 -37.40 18.01 -7.06
CA PHE B 206 -37.33 19.29 -6.35
C PHE B 206 -38.58 19.53 -5.52
N LYS B 207 -39.76 19.34 -6.11
CA LYS B 207 -41.00 19.53 -5.35
C LYS B 207 -41.11 18.58 -4.16
N ARG B 208 -40.69 17.32 -4.32
CA ARG B 208 -40.93 16.36 -3.25
C ARG B 208 -40.01 16.58 -2.06
N TYR B 209 -38.77 17.04 -2.31
CA TYR B 209 -37.72 17.06 -1.28
C TYR B 209 -37.12 18.44 -0.95
N GLY B 210 -37.48 19.52 -1.67
CA GLY B 210 -36.77 20.79 -1.53
C GLY B 210 -36.90 21.45 -0.18
N ASN B 211 -37.90 21.05 0.59
CA ASN B 211 -38.02 21.54 1.93
C ASN B 211 -37.06 20.86 2.87
N GLU B 212 -36.53 19.70 2.48
CA GLU B 212 -35.59 18.92 3.28
C GLU B 212 -34.18 18.95 2.74
N VAL B 213 -34.02 18.98 1.44
CA VAL B 213 -32.71 18.99 0.81
C VAL B 213 -32.43 20.42 0.41
N LYS B 214 -31.40 21.05 0.99
CA LYS B 214 -31.18 22.45 0.68
C LYS B 214 -29.90 22.73 -0.11
N THR B 215 -29.11 21.69 -0.43
CA THR B 215 -27.97 21.82 -1.33
C THR B 215 -28.07 20.76 -2.44
N TRP B 216 -28.05 21.20 -3.70
CA TRP B 216 -28.30 20.37 -4.88
C TRP B 216 -27.20 20.47 -5.92
N PHE B 217 -26.88 19.33 -6.55
CA PHE B 217 -26.07 19.27 -7.75
C PHE B 217 -26.86 18.58 -8.85
N THR B 218 -26.95 19.21 -10.03
CA THR B 218 -27.67 18.59 -11.15
C THR B 218 -26.98 17.33 -11.67
N PHE B 219 -25.76 17.47 -12.18
CA PHE B 219 -25.01 16.35 -12.77
C PHE B 219 -23.71 16.11 -12.01
N ASN B 220 -23.38 14.84 -11.80
CA ASN B 220 -22.07 14.46 -11.30
C ASN B 220 -21.07 14.34 -12.44
N GLU B 221 -20.00 15.11 -12.36
CA GLU B 221 -18.87 15.07 -13.28
C GLU B 221 -19.31 14.91 -14.72
N PRO B 222 -20.00 15.90 -15.29
CA PRO B 222 -20.51 15.72 -16.67
C PRO B 222 -19.44 15.50 -17.70
N ARG B 223 -18.22 16.03 -17.52
CA ARG B 223 -17.20 15.78 -18.52
C ARG B 223 -16.89 14.31 -18.60
N VAL B 224 -16.71 13.66 -17.45
CA VAL B 224 -16.49 12.21 -17.40
C VAL B 224 -17.71 11.47 -17.97
N PHE B 225 -18.93 11.90 -17.59
CA PHE B 225 -20.15 11.26 -18.09
C PHE B 225 -20.30 11.35 -19.60
N CYS B 226 -20.07 12.52 -20.15
CA CYS B 226 -20.27 12.67 -21.57
C CYS B 226 -19.21 11.89 -22.32
N SER B 227 -18.05 11.72 -21.72
CA SER B 227 -17.05 10.92 -22.38
C SER B 227 -17.46 9.46 -22.39
N GLN B 228 -18.25 9.04 -21.38
CA GLN B 228 -18.82 7.70 -21.42
C GLN B 228 -19.77 7.47 -22.60
N ASN B 229 -20.43 8.52 -23.09
CA ASN B 229 -21.38 8.35 -24.18
C ASN B 229 -20.71 8.01 -25.50
N SER B 230 -19.38 8.01 -25.51
CA SER B 230 -18.62 7.51 -26.63
C SER B 230 -18.48 5.99 -26.63
N GLY B 231 -18.90 5.32 -25.56
CA GLY B 231 -18.75 3.89 -25.43
C GLY B 231 -20.09 3.19 -25.48
N LEU B 232 -20.04 1.88 -25.24
CA LEU B 232 -21.24 1.07 -25.07
C LEU B 232 -21.97 1.49 -23.79
N PRO B 233 -23.30 1.40 -23.75
CA PRO B 233 -24.16 0.94 -24.84
C PRO B 233 -24.62 2.12 -25.66
N TYR B 234 -24.13 3.30 -25.31
CA TYR B 234 -24.57 4.48 -26.01
C TYR B 234 -24.33 4.39 -27.51
N ASN B 235 -23.21 3.79 -27.93
CA ASN B 235 -22.88 3.70 -29.36
C ASN B 235 -23.51 2.50 -30.05
N LEU B 236 -24.49 1.84 -29.43
CA LEU B 236 -25.32 0.95 -30.22
C LEU B 236 -26.42 1.67 -30.95
N THR B 237 -26.75 2.91 -30.54
CA THR B 237 -27.98 3.61 -30.95
C THR B 237 -27.73 5.09 -31.31
N TYR B 238 -26.54 5.50 -31.76
CA TYR B 238 -26.40 6.93 -32.04
C TYR B 238 -27.41 7.36 -33.10
N PRO B 239 -28.02 8.49 -32.98
CA PRO B 239 -28.88 8.86 -34.06
C PRO B 239 -28.01 9.64 -34.94
N GLU B 240 -27.47 9.11 -36.01
CA GLU B 240 -26.58 9.85 -36.92
C GLU B 240 -27.16 11.16 -37.20
N GLY B 241 -26.35 12.14 -37.58
CA GLY B 241 -24.94 11.99 -37.82
C GLY B 241 -23.97 12.05 -36.68
N ILE B 242 -24.24 11.30 -35.63
CA ILE B 242 -23.40 11.25 -34.44
C ILE B 242 -22.36 10.14 -34.31
N ASN B 243 -21.11 10.39 -34.66
CA ASN B 243 -20.08 9.39 -34.50
C ASN B 243 -19.32 9.54 -33.21
N SER B 244 -18.98 8.41 -32.60
CA SER B 244 -18.25 8.41 -31.34
C SER B 244 -17.94 9.82 -30.87
N THR B 245 -16.83 10.38 -31.38
CA THR B 245 -16.42 11.73 -31.02
C THR B 245 -17.61 12.67 -30.97
N SER B 246 -18.37 12.73 -32.07
CA SER B 246 -19.54 13.60 -32.15
C SER B 246 -20.60 13.19 -31.13
N ALA B 247 -20.21 12.33 -30.21
CA ALA B 247 -21.12 11.85 -29.17
C ALA B 247 -20.82 12.52 -27.82
N VAL B 248 -19.55 12.81 -27.58
CA VAL B 248 -19.14 13.45 -26.33
C VAL B 248 -19.62 14.89 -26.29
N PHE B 249 -19.59 15.56 -27.44
CA PHE B 249 -19.91 16.98 -27.49
C PHE B 249 -21.37 17.32 -27.75
N ARG B 250 -22.13 16.46 -28.41
CA ARG B 250 -23.57 16.65 -28.38
C ARG B 250 -24.08 16.50 -26.95
N CYS B 251 -23.58 15.50 -26.23
CA CYS B 251 -23.92 15.33 -24.81
C CYS B 251 -23.57 16.55 -23.97
N THR B 252 -22.38 17.11 -24.16
CA THR B 252 -22.03 18.28 -23.34
C THR B 252 -23.09 19.36 -23.49
N TYR B 253 -23.48 19.67 -24.72
CA TYR B 253 -24.49 20.71 -24.93
C TYR B 253 -25.83 20.34 -24.32
N ASN B 254 -26.29 19.11 -24.57
CA ASN B 254 -27.59 18.72 -24.06
C ASN B 254 -27.57 18.75 -22.54
N VAL B 255 -26.45 18.39 -21.93
CA VAL B 255 -26.35 18.42 -20.47
C VAL B 255 -26.35 19.86 -19.95
N LEU B 256 -25.55 20.74 -20.58
CA LEU B 256 -25.53 22.16 -20.22
C LEU B 256 -26.92 22.74 -20.31
N LYS B 257 -27.63 22.39 -21.38
CA LYS B 257 -29.00 22.85 -21.54
C LYS B 257 -29.88 22.23 -20.46
N ALA B 258 -29.76 20.92 -20.26
CA ALA B 258 -30.50 20.28 -19.17
C ALA B 258 -30.19 20.94 -17.84
N HIS B 259 -28.93 21.25 -17.58
CA HIS B 259 -28.59 21.85 -16.30
C HIS B 259 -29.24 23.21 -16.15
N GLY B 260 -29.04 24.06 -17.17
CA GLY B 260 -29.58 25.42 -17.12
C GLY B 260 -31.09 25.48 -16.95
N HIS B 261 -31.82 24.66 -17.71
CA HIS B 261 -33.27 24.67 -17.61
C HIS B 261 -33.76 24.16 -16.26
N ALA B 262 -33.13 23.11 -15.74
CA ALA B 262 -33.49 22.59 -14.42
C ALA B 262 -33.19 23.59 -13.31
N VAL B 263 -32.07 24.30 -13.40
CA VAL B 263 -31.79 25.27 -12.36
C VAL B 263 -32.80 26.40 -12.37
N LYS B 264 -33.25 26.84 -13.56
CA LYS B 264 -34.28 27.87 -13.64
C LYS B 264 -35.55 27.41 -12.93
N VAL B 265 -35.99 26.20 -13.21
CA VAL B 265 -37.15 25.65 -12.55
C VAL B 265 -36.90 25.64 -11.05
N TYR B 266 -35.72 25.24 -10.61
CA TYR B 266 -35.43 25.21 -9.18
C TYR B 266 -35.65 26.59 -8.58
N ARG B 267 -35.20 27.63 -9.28
CA ARG B 267 -35.32 29.00 -8.79
C ARG B 267 -36.79 29.48 -8.79
N ASP B 268 -37.57 29.06 -9.80
CA ASP B 268 -39.01 29.38 -9.78
C ASP B 268 -39.70 28.73 -8.58
N LEU B 269 -39.33 27.50 -8.25
CA LEU B 269 -39.89 26.77 -7.11
C LEU B 269 -39.54 27.42 -5.81
N VAL B 270 -38.29 27.87 -5.64
CA VAL B 270 -37.94 28.59 -4.42
C VAL B 270 -38.66 29.93 -4.37
N ALA B 271 -38.58 30.70 -5.47
CA ALA B 271 -39.17 32.03 -5.50
C ALA B 271 -40.69 32.01 -5.34
N SER B 272 -41.34 30.92 -5.73
CA SER B 272 -42.78 30.79 -5.53
C SER B 272 -43.13 30.31 -4.13
N GLY B 273 -42.12 29.97 -3.31
CA GLY B 273 -42.29 29.45 -1.98
C GLY B 273 -42.67 27.99 -1.88
N THR B 274 -42.64 27.25 -2.99
CA THR B 274 -42.98 25.82 -2.98
C THR B 274 -41.97 25.03 -2.17
N ILE B 275 -40.68 25.37 -2.25
CA ILE B 275 -39.65 24.65 -1.51
C ILE B 275 -38.79 25.67 -0.77
N ALA B 276 -38.15 25.18 0.29
CA ALA B 276 -37.21 25.99 1.02
C ALA B 276 -36.12 26.50 0.10
N ALA B 277 -35.55 27.64 0.46
CA ALA B 277 -34.49 28.18 -0.35
C ALA B 277 -33.26 27.32 -0.16
N GLY B 278 -32.60 27.00 -1.26
CA GLY B 278 -31.33 26.33 -1.20
C GLY B 278 -30.36 26.79 -2.25
N GLU B 279 -29.35 25.95 -2.49
CA GLU B 279 -28.27 26.28 -3.42
C GLU B 279 -28.14 25.14 -4.42
N ILE B 280 -27.75 25.47 -5.64
CA ILE B 280 -27.68 24.45 -6.68
C ILE B 280 -26.48 24.72 -7.57
N GLY B 281 -25.79 23.64 -7.94
CA GLY B 281 -24.68 23.69 -8.88
C GLY B 281 -24.50 22.34 -9.55
N PHE B 282 -23.29 22.05 -9.97
CA PHE B 282 -22.92 20.72 -10.43
C PHE B 282 -21.51 20.39 -9.97
N LYS B 283 -21.15 19.09 -9.99
CA LYS B 283 -19.83 18.68 -9.51
C LYS B 283 -18.85 18.64 -10.67
N SER B 284 -17.87 19.52 -10.67
CA SER B 284 -16.80 19.41 -11.65
C SER B 284 -15.79 18.36 -11.18
N ASP B 285 -14.85 18.01 -12.04
CA ASP B 285 -13.81 17.11 -11.59
C ASP B 285 -12.55 17.47 -12.36
N ASP B 286 -11.49 16.67 -12.21
CA ASP B 286 -10.18 16.80 -12.87
C ASP B 286 -9.46 17.97 -12.25
N ASN B 287 -8.67 18.64 -13.07
CA ASN B 287 -7.76 19.60 -12.45
C ASN B 287 -7.12 20.43 -13.54
N TYR B 288 -6.39 21.47 -13.16
CA TYR B 288 -5.63 22.23 -14.13
C TYR B 288 -4.20 21.79 -13.81
N PRO B 289 -3.67 20.77 -14.51
CA PRO B 289 -2.34 20.31 -14.15
C PRO B 289 -1.30 21.31 -14.06
N ILE B 290 -0.12 20.87 -13.62
CA ILE B 290 1.15 21.59 -13.60
C ILE B 290 1.99 21.24 -14.82
N PRO B 291 2.65 22.20 -15.47
CA PRO B 291 3.54 21.87 -16.59
C PRO B 291 4.70 21.02 -16.15
N ALA B 292 5.04 20.05 -16.99
CA ALA B 292 6.15 19.16 -16.67
C ALA B 292 7.46 19.94 -16.52
N ARG B 293 7.70 20.89 -17.41
CA ARG B 293 8.89 21.74 -17.38
C ARG B 293 8.44 23.16 -17.14
N PRO B 294 8.64 23.68 -15.93
CA PRO B 294 8.09 25.01 -15.60
C PRO B 294 8.71 26.13 -16.42
N GLY B 295 7.85 27.07 -16.86
CA GLY B 295 8.27 28.13 -17.74
C GLY B 295 8.30 27.79 -19.21
N ASN B 296 8.15 26.51 -19.57
CA ASN B 296 8.09 26.05 -20.96
C ASN B 296 6.71 26.34 -21.56
N ALA B 297 6.69 27.11 -22.66
CA ALA B 297 5.43 27.62 -23.23
C ALA B 297 4.54 26.52 -23.77
N ASP B 298 5.14 25.39 -24.19
CA ASP B 298 4.38 24.28 -24.72
C ASP B 298 3.66 23.55 -23.60
N ASP B 299 4.36 23.29 -22.49
CA ASP B 299 3.74 22.61 -21.36
C ASP B 299 2.62 23.45 -20.77
N GLU B 300 2.83 24.77 -20.71
CA GLU B 300 1.77 25.66 -20.25
C GLU B 300 0.56 25.60 -21.20
N GLU B 301 0.80 25.57 -22.53
CA GLU B 301 -0.31 25.43 -23.47
C GLU B 301 -1.09 24.13 -23.34
N SER B 302 -0.42 22.99 -23.20
CA SER B 302 -1.22 21.77 -23.11
C SER B 302 -1.97 21.68 -21.78
N ALA B 303 -1.39 22.26 -20.72
CA ALA B 303 -2.07 22.34 -19.43
C ALA B 303 -3.34 23.17 -19.54
N LYS B 304 -3.26 24.32 -20.22
CA LYS B 304 -4.44 25.15 -20.38
C LYS B 304 -5.51 24.40 -21.17
N ARG B 305 -5.10 23.77 -22.27
CA ARG B 305 -6.03 22.97 -23.06
C ARG B 305 -6.66 21.89 -22.22
N HIS B 306 -5.88 21.25 -21.34
CA HIS B 306 -6.42 20.23 -20.45
C HIS B 306 -7.50 20.79 -19.54
N GLU B 307 -7.21 21.87 -18.83
CA GLU B 307 -8.25 22.52 -18.03
C GLU B 307 -9.49 22.79 -18.86
N ALA B 308 -9.30 23.30 -20.08
CA ALA B 308 -10.42 23.71 -20.88
C ALA B 308 -11.30 22.53 -21.28
N PHE B 309 -10.71 21.41 -21.63
CA PHE B 309 -11.51 20.29 -22.08
C PHE B 309 -12.10 19.53 -20.90
N ARG B 310 -11.45 19.59 -19.73
CA ARG B 310 -11.84 18.82 -18.56
C ARG B 310 -12.65 19.59 -17.53
N ILE B 311 -12.58 20.93 -17.53
CA ILE B 311 -13.30 21.78 -16.58
C ILE B 311 -14.00 22.93 -17.30
N GLY B 312 -13.24 23.71 -18.07
CA GLY B 312 -13.78 24.92 -18.67
C GLY B 312 -14.96 24.72 -19.59
N ILE B 313 -15.02 23.58 -20.30
CA ILE B 313 -16.07 23.38 -21.31
C ILE B 313 -17.47 23.38 -20.69
N PHE B 314 -17.58 23.00 -19.43
CA PHE B 314 -18.80 23.10 -18.67
C PHE B 314 -18.76 24.26 -17.71
N ALA B 315 -17.60 24.54 -17.11
CA ALA B 315 -17.58 25.55 -16.08
C ALA B 315 -17.59 26.95 -16.62
N GLN B 316 -17.00 27.22 -17.81
CA GLN B 316 -17.03 28.59 -18.31
C GLN B 316 -18.44 29.00 -18.71
N PRO B 317 -19.22 28.19 -19.43
CA PRO B 317 -20.62 28.57 -19.63
C PRO B 317 -21.43 28.81 -18.35
N VAL B 318 -21.17 28.09 -17.27
CA VAL B 318 -22.04 28.17 -16.11
C VAL B 318 -21.59 29.23 -15.11
N TYR B 319 -20.31 29.28 -14.74
CA TYR B 319 -19.82 30.21 -13.74
C TYR B 319 -18.97 31.31 -14.33
N GLY B 320 -18.68 31.27 -15.63
CA GLY B 320 -17.78 32.27 -16.17
C GLY B 320 -18.49 33.16 -17.16
N ASN B 321 -17.83 33.45 -18.29
CA ASN B 321 -18.37 34.41 -19.23
C ASN B 321 -19.58 33.91 -20.01
N GLY B 322 -19.95 32.61 -19.90
CA GLY B 322 -21.11 32.03 -20.57
C GLY B 322 -20.85 31.34 -21.90
N ASP B 323 -19.60 31.24 -22.32
CA ASP B 323 -19.31 30.54 -23.55
C ASP B 323 -18.24 29.48 -23.30
N TYR B 324 -18.04 28.63 -24.28
CA TYR B 324 -16.98 27.67 -24.23
C TYR B 324 -15.62 28.34 -24.13
N PRO B 325 -14.62 27.63 -23.59
CA PRO B 325 -13.25 28.15 -23.65
C PRO B 325 -12.85 28.38 -25.09
N ASP B 326 -12.00 29.38 -25.29
CA ASP B 326 -11.65 29.72 -26.65
C ASP B 326 -10.93 28.57 -27.33
N VAL B 327 -10.01 27.90 -26.61
CA VAL B 327 -9.29 26.75 -27.20
C VAL B 327 -10.24 25.61 -27.56
N VAL B 328 -11.35 25.48 -26.83
CA VAL B 328 -12.34 24.45 -27.11
C VAL B 328 -13.07 24.82 -28.37
N LYS B 329 -13.54 26.08 -28.42
CA LYS B 329 -14.24 26.58 -29.60
C LYS B 329 -13.33 26.36 -30.80
N GLU B 330 -12.05 26.71 -30.67
CA GLU B 330 -11.14 26.57 -31.80
C GLU B 330 -10.91 25.12 -32.21
N THR B 331 -10.91 24.15 -31.27
CA THR B 331 -10.58 22.82 -31.77
C THR B 331 -11.84 22.03 -32.17
N VAL B 332 -12.91 22.10 -31.38
CA VAL B 332 -14.06 21.31 -31.66
C VAL B 332 -15.01 22.19 -32.52
N GLY B 333 -16.03 22.77 -31.87
CA GLY B 333 -16.99 23.66 -32.49
C GLY B 333 -17.78 22.99 -33.59
N ASP B 334 -17.16 22.32 -34.54
CA ASP B 334 -17.97 21.83 -35.66
C ASP B 334 -18.73 20.57 -35.31
N MET B 335 -18.43 20.07 -34.13
CA MET B 335 -19.05 18.99 -33.41
C MET B 335 -19.87 19.46 -32.22
N LEU B 336 -19.57 20.65 -31.72
CA LEU B 336 -20.21 21.25 -30.57
C LEU B 336 -21.30 22.26 -30.94
N PRO B 337 -22.58 21.95 -30.64
CA PRO B 337 -23.68 22.90 -30.93
C PRO B 337 -23.43 24.22 -30.22
N ALA B 338 -23.76 25.32 -30.91
CA ALA B 338 -23.52 26.63 -30.32
C ALA B 338 -24.54 26.93 -29.23
N LEU B 339 -24.04 27.59 -28.17
CA LEU B 339 -24.88 28.00 -27.06
C LEU B 339 -25.61 29.26 -27.49
N THR B 340 -26.93 29.13 -27.72
CA THR B 340 -27.67 30.32 -28.11
C THR B 340 -27.73 31.29 -26.94
N ASP B 341 -28.17 32.50 -27.24
CA ASP B 341 -28.36 33.45 -26.14
C ASP B 341 -29.43 32.96 -25.19
N GLU B 342 -30.52 32.38 -25.73
CA GLU B 342 -31.52 31.81 -24.84
C GLU B 342 -30.87 30.69 -24.05
N ASP B 343 -30.08 29.83 -24.71
CA ASP B 343 -29.32 28.85 -23.94
C ASP B 343 -28.48 29.57 -22.91
N LYS B 344 -27.71 30.59 -23.33
CA LYS B 344 -26.87 31.28 -22.38
C LYS B 344 -27.69 31.93 -21.27
N GLY B 345 -28.94 32.30 -21.58
CA GLY B 345 -29.83 32.89 -20.59
C GLY B 345 -30.13 31.96 -19.43
N TYR B 346 -30.24 30.65 -19.71
CA TYR B 346 -30.41 29.67 -18.66
C TYR B 346 -29.07 29.25 -18.03
N ILE B 347 -28.02 29.15 -18.84
CA ILE B 347 -26.80 28.49 -18.39
C ILE B 347 -25.91 29.43 -17.61
N LYS B 348 -25.68 30.64 -18.12
CA LYS B 348 -24.82 31.59 -17.43
C LYS B 348 -25.39 31.96 -16.06
N GLY B 349 -24.58 31.81 -15.01
CA GLY B 349 -25.04 32.12 -13.68
C GLY B 349 -25.89 31.06 -13.01
N SER B 350 -25.97 29.86 -13.60
CA SER B 350 -26.78 28.74 -13.09
C SER B 350 -26.03 27.90 -12.05
N GLY B 351 -25.09 28.51 -11.34
CA GLY B 351 -24.42 27.82 -10.27
C GLY B 351 -24.29 28.67 -9.03
N ASP B 352 -25.13 28.46 -8.00
CA ASP B 352 -24.94 29.20 -6.74
C ASP B 352 -23.66 28.75 -6.05
N ILE B 353 -23.27 27.49 -6.26
CA ILE B 353 -22.15 26.84 -5.60
C ILE B 353 -21.36 26.08 -6.64
N PHE B 354 -20.04 26.04 -6.45
CA PHE B 354 -19.11 25.18 -7.16
C PHE B 354 -18.79 23.94 -6.34
N ALA B 355 -18.53 22.85 -7.05
CA ALA B 355 -18.12 21.59 -6.43
C ALA B 355 -17.05 20.94 -7.28
N ILE B 356 -15.96 20.49 -6.66
CA ILE B 356 -14.85 19.91 -7.41
C ILE B 356 -14.60 18.53 -6.80
N ASP B 357 -14.67 17.49 -7.64
CA ASP B 357 -14.24 16.14 -7.27
C ASP B 357 -12.72 16.10 -7.41
N GLY B 358 -12.04 16.66 -6.39
CA GLY B 358 -10.62 16.97 -6.48
C GLY B 358 -9.75 15.79 -6.14
N TYR B 359 -9.92 14.69 -6.88
CA TYR B 359 -9.17 13.50 -6.53
C TYR B 359 -7.67 13.77 -6.58
N ARG B 360 -7.21 14.55 -7.55
CA ARG B 360 -5.80 14.62 -7.89
C ARG B 360 -5.49 15.80 -8.78
N THR B 361 -4.20 16.05 -8.94
CA THR B 361 -3.65 17.03 -9.86
C THR B 361 -2.73 16.27 -10.81
N ASP B 362 -2.78 16.57 -12.10
CA ASP B 362 -1.93 15.87 -13.05
C ASP B 362 -0.76 16.73 -13.45
N ILE B 363 0.11 16.17 -14.26
CA ILE B 363 1.24 16.85 -14.87
C ILE B 363 1.00 16.87 -16.38
N SER B 364 1.20 18.01 -17.01
CA SER B 364 0.97 18.16 -18.43
C SER B 364 2.30 18.23 -19.18
N HIS B 365 2.56 17.24 -20.03
CA HIS B 365 3.66 17.30 -20.98
C HIS B 365 3.07 17.60 -22.34
N ALA B 366 3.55 18.65 -23.02
CA ALA B 366 3.05 18.93 -24.36
C ALA B 366 3.34 17.74 -25.26
N ALA B 367 2.43 17.47 -26.22
CA ALA B 367 2.57 16.34 -27.16
C ALA B 367 3.94 16.34 -27.83
N LEU B 368 4.60 15.17 -27.79
CA LEU B 368 5.99 15.05 -28.24
C LEU B 368 6.14 15.39 -29.72
N ASN B 369 5.09 15.20 -30.51
CA ASN B 369 5.04 15.57 -31.91
C ASN B 369 4.47 16.99 -32.15
N GLY B 370 4.44 17.86 -31.14
CA GLY B 370 3.97 19.22 -31.31
C GLY B 370 2.46 19.39 -31.18
N ILE B 371 2.04 20.38 -30.37
CA ILE B 371 0.60 20.57 -30.13
C ILE B 371 -0.10 20.94 -31.41
N ALA B 372 0.51 21.82 -32.20
CA ALA B 372 -0.11 22.27 -33.44
C ALA B 372 -0.42 21.11 -34.39
N ASN B 373 0.42 20.12 -34.48
CA ASN B 373 0.10 18.99 -35.33
C ASN B 373 -0.88 18.06 -34.74
N CYS B 374 -0.98 18.01 -33.45
CA CYS B 374 -1.95 17.12 -32.81
C CYS B 374 -3.36 17.70 -32.92
N ILE B 375 -3.52 19.00 -32.68
CA ILE B 375 -4.86 19.59 -32.69
C ILE B 375 -5.53 19.49 -34.05
N ARG B 376 -4.75 19.46 -35.13
CA ARG B 376 -5.30 19.36 -36.49
C ARG B 376 -5.52 17.92 -37.00
N ASN B 377 -5.30 16.94 -36.12
CA ASN B 377 -5.45 15.52 -36.42
C ASN B 377 -6.35 14.88 -35.37
N GLN B 378 -7.63 14.83 -35.69
CA GLN B 378 -8.60 14.18 -34.82
C GLN B 378 -8.24 12.72 -34.56
N SER B 379 -7.42 12.12 -35.40
CA SER B 379 -7.02 10.73 -35.19
C SER B 379 -5.79 10.54 -34.32
N ASP B 380 -5.05 11.61 -33.98
CA ASP B 380 -3.93 11.52 -33.02
C ASP B 380 -4.43 10.97 -31.68
N PRO B 381 -3.69 10.07 -31.06
CA PRO B 381 -4.12 9.54 -29.77
C PRO B 381 -4.18 10.61 -28.69
N ASN B 382 -3.57 11.78 -28.89
CA ASN B 382 -3.59 12.86 -27.91
C ASN B 382 -4.58 13.97 -28.24
N TRP B 383 -5.37 13.81 -29.28
CA TRP B 383 -6.43 14.76 -29.57
C TRP B 383 -7.56 14.64 -28.53
N PRO B 384 -8.17 15.77 -28.10
CA PRO B 384 -7.94 17.17 -28.45
C PRO B 384 -7.08 17.96 -27.46
N VAL B 385 -6.72 17.37 -26.32
CA VAL B 385 -5.98 18.15 -25.35
C VAL B 385 -4.59 18.40 -25.87
N CYS B 386 -4.02 17.41 -26.52
CA CYS B 386 -2.70 17.53 -27.12
C CYS B 386 -1.63 17.79 -26.07
N GLU B 387 -1.81 17.22 -24.89
CA GLU B 387 -0.70 16.82 -24.02
C GLU B 387 -0.45 15.32 -24.19
N GLU B 388 0.67 14.85 -23.62
CA GLU B 388 0.92 13.42 -23.57
C GLU B 388 0.06 12.84 -22.46
N GLY B 389 -1.02 12.15 -22.85
CA GLY B 389 -2.04 11.72 -21.91
C GLY B 389 -1.78 10.43 -21.18
N SER B 390 -0.83 9.62 -21.66
CA SER B 390 -0.58 8.29 -21.08
C SER B 390 0.09 8.40 -19.71
N ASP B 391 -0.10 7.34 -18.90
CA ASP B 391 0.38 7.35 -17.52
C ASP B 391 1.87 7.68 -17.34
N PRO B 392 2.80 7.13 -18.14
CA PRO B 392 4.24 7.46 -17.93
C PRO B 392 4.57 8.91 -18.12
N PHE B 393 3.63 9.73 -18.62
CA PHE B 393 3.74 11.19 -18.72
C PHE B 393 2.82 11.94 -17.76
N ALA B 394 1.53 11.61 -17.75
CA ALA B 394 0.54 12.39 -17.01
C ALA B 394 0.85 12.50 -15.53
N HIS B 395 1.68 11.61 -15.00
CA HIS B 395 1.99 11.62 -13.58
C HIS B 395 3.45 11.88 -13.26
N VAL B 396 4.30 12.18 -14.24
CA VAL B 396 5.75 12.04 -14.09
C VAL B 396 6.46 13.34 -14.46
N TYR B 397 7.36 13.79 -13.59
CA TYR B 397 8.22 14.91 -13.92
C TYR B 397 9.22 14.45 -14.97
N PRO B 398 9.84 15.38 -15.70
CA PRO B 398 10.95 14.97 -16.57
C PRO B 398 12.02 14.19 -15.81
N SER B 399 12.21 14.48 -14.52
CA SER B 399 13.12 13.75 -13.65
C SER B 399 12.81 12.24 -13.58
N GLY B 400 11.63 11.82 -14.00
CA GLY B 400 11.21 10.46 -13.88
C GLY B 400 10.44 10.11 -12.62
N PHE B 401 10.49 10.94 -11.59
CA PHE B 401 9.66 10.69 -10.41
C PHE B 401 8.24 11.18 -10.54
N ALA B 402 7.35 10.47 -9.83
CA ALA B 402 5.94 10.79 -9.85
C ALA B 402 5.66 12.08 -9.09
N ILE B 403 4.50 12.68 -9.42
CA ILE B 403 3.95 13.80 -8.67
C ILE B 403 3.59 13.41 -7.23
N GLY B 404 3.30 12.13 -6.99
CA GLY B 404 2.94 11.66 -5.66
C GLY B 404 2.68 10.16 -5.66
N GLN B 405 2.20 9.67 -4.51
CA GLN B 405 1.90 8.24 -4.33
C GLN B 405 0.83 7.80 -5.32
N SER B 406 1.05 6.68 -6.02
CA SER B 406 0.02 6.09 -6.88
C SER B 406 -0.90 5.17 -6.07
N ALA B 407 -2.16 5.10 -6.48
CA ALA B 407 -3.09 4.15 -5.88
C ALA B 407 -3.15 2.84 -6.66
N ASP B 408 -4.27 2.13 -6.54
CA ASP B 408 -4.36 0.83 -7.17
C ASP B 408 -4.18 0.99 -8.68
N PRO B 409 -3.41 0.11 -9.31
CA PRO B 409 -3.09 0.29 -10.74
C PRO B 409 -4.30 0.16 -11.64
N LEU B 410 -5.40 -0.44 -11.17
CA LEU B 410 -6.62 -0.41 -11.95
C LEU B 410 -7.34 0.95 -11.91
N SER B 411 -6.94 1.83 -11.00
CA SER B 411 -7.42 3.20 -10.98
C SER B 411 -6.20 4.08 -11.05
N SER B 412 -5.39 3.90 -12.08
CA SER B 412 -4.10 4.57 -12.16
C SER B 412 -4.20 6.07 -12.33
N TRP B 413 -5.38 6.60 -12.70
CA TRP B 413 -5.61 8.04 -12.76
C TRP B 413 -5.43 8.75 -11.42
N LEU B 414 -5.48 7.99 -10.33
CA LEU B 414 -5.53 8.47 -8.96
C LEU B 414 -4.14 8.51 -8.38
N VAL B 415 -3.78 9.67 -7.84
CA VAL B 415 -2.53 9.84 -7.11
C VAL B 415 -2.84 10.70 -5.89
N ASN B 416 -1.98 10.63 -4.88
CA ASN B 416 -2.08 11.52 -3.73
C ASN B 416 -1.39 12.81 -4.14
N SER B 417 -2.14 13.81 -4.52
CA SER B 417 -1.46 15.06 -4.82
C SER B 417 -1.88 16.16 -3.89
N ALA B 418 -1.92 15.86 -2.59
CA ALA B 418 -2.31 16.87 -1.61
C ALA B 418 -1.59 18.20 -1.77
N PRO B 419 -0.27 18.29 -2.03
CA PRO B 419 0.39 19.60 -2.03
C PRO B 419 -0.17 20.59 -3.03
N PHE B 420 -0.95 20.13 -4.01
CA PHE B 420 -1.43 21.00 -5.07
C PHE B 420 -2.87 21.41 -4.86
N ILE B 421 -3.50 20.96 -3.78
CA ILE B 421 -4.93 21.19 -3.59
C ILE B 421 -5.21 22.68 -3.53
N ARG B 422 -4.43 23.39 -2.70
CA ARG B 422 -4.62 24.82 -2.47
C ARG B 422 -4.46 25.61 -3.75
N ASP B 423 -3.52 25.20 -4.58
CA ASP B 423 -3.31 25.87 -5.84
C ASP B 423 -4.52 25.66 -6.76
N GLN B 424 -5.09 24.44 -6.76
CA GLN B 424 -6.30 24.16 -7.50
C GLN B 424 -7.48 24.99 -6.99
N LEU B 425 -7.65 25.11 -5.68
CA LEU B 425 -8.80 25.85 -5.18
C LEU B 425 -8.72 27.33 -5.54
N LYS B 426 -7.52 27.94 -5.49
CA LYS B 426 -7.42 29.33 -5.93
C LYS B 426 -7.78 29.50 -7.41
N PHE B 427 -7.27 28.63 -8.27
CA PHE B 427 -7.61 28.79 -9.68
C PHE B 427 -9.11 28.67 -9.89
N LEU B 428 -9.74 27.69 -9.26
CA LEU B 428 -11.15 27.46 -9.54
C LEU B 428 -12.03 28.59 -9.01
N THR B 429 -11.77 29.05 -7.78
CA THR B 429 -12.62 30.09 -7.20
C THR B 429 -12.37 31.47 -7.81
N GLN B 430 -11.19 31.71 -8.39
CA GLN B 430 -10.96 32.96 -9.09
C GLN B 430 -11.42 32.95 -10.55
N THR B 431 -11.48 31.78 -11.18
CA THR B 431 -11.87 31.63 -12.57
C THR B 431 -13.36 31.35 -12.72
N TYR B 432 -13.93 30.60 -11.80
CA TYR B 432 -15.34 30.19 -11.84
C TYR B 432 -15.97 30.59 -10.51
N PRO B 433 -16.09 31.90 -10.26
CA PRO B 433 -16.61 32.34 -8.97
C PRO B 433 -18.06 31.96 -8.80
N ALA B 434 -18.42 31.52 -7.60
CA ALA B 434 -19.80 31.22 -7.24
C ALA B 434 -20.12 31.85 -5.89
N LYS B 435 -21.31 32.44 -5.76
CA LYS B 435 -21.65 33.18 -4.54
C LYS B 435 -21.67 32.29 -3.30
N GLY B 436 -22.04 31.04 -3.45
CA GLY B 436 -22.11 30.08 -2.38
C GLY B 436 -20.82 29.37 -2.01
N GLY B 437 -19.74 29.70 -2.68
CA GLY B 437 -18.47 29.08 -2.40
C GLY B 437 -18.23 27.83 -3.21
N ILE B 438 -17.35 26.98 -2.69
CA ILE B 438 -16.87 25.80 -3.39
C ILE B 438 -16.92 24.62 -2.43
N TYR B 439 -17.40 23.50 -2.93
CA TYR B 439 -17.35 22.24 -2.22
C TYR B 439 -16.21 21.36 -2.72
N PHE B 440 -15.55 20.68 -1.79
CA PHE B 440 -14.70 19.53 -2.12
C PHE B 440 -15.60 18.31 -2.12
N SER B 441 -16.21 18.08 -3.27
CA SER B 441 -17.40 17.25 -3.42
C SER B 441 -17.11 15.78 -3.57
N ALA B 442 -15.87 15.39 -3.93
CA ALA B 442 -15.42 14.00 -3.81
C ALA B 442 -13.90 13.96 -3.74
N PHE B 443 -13.39 13.09 -2.88
CA PHE B 443 -11.99 12.69 -2.89
C PHE B 443 -11.92 11.40 -2.07
N GLY B 444 -11.02 10.50 -2.46
CA GLY B 444 -10.89 9.23 -1.77
C GLY B 444 -9.81 8.40 -2.41
N TRP B 445 -9.53 7.26 -1.78
CA TRP B 445 -8.39 6.42 -2.13
C TRP B 445 -8.79 4.99 -2.46
N ALA B 446 -8.11 4.44 -3.47
CA ALA B 446 -8.21 3.03 -3.80
C ALA B 446 -6.93 2.39 -3.34
N GLU B 447 -6.96 1.82 -2.14
CA GLU B 447 -5.76 1.25 -1.57
C GLU B 447 -5.29 0.08 -2.41
N ASP B 448 -3.99 0.03 -2.69
CA ASP B 448 -3.44 -0.91 -3.67
C ASP B 448 -3.65 -2.34 -3.18
N ALA B 449 -4.32 -3.15 -4.01
CA ALA B 449 -4.53 -4.58 -3.79
C ALA B 449 -5.33 -4.90 -2.53
N GLU B 450 -6.12 -3.95 -2.03
CA GLU B 450 -6.95 -4.22 -0.86
C GLU B 450 -7.97 -5.30 -1.16
N TYR B 451 -8.35 -5.44 -2.44
CA TYR B 451 -9.26 -6.51 -2.82
C TYR B 451 -8.65 -7.90 -2.76
N ASP B 452 -7.33 -8.01 -2.56
CA ASP B 452 -6.64 -9.30 -2.49
C ASP B 452 -6.39 -9.76 -1.06
N ARG B 453 -6.59 -8.89 -0.08
CA ARG B 453 -6.47 -9.30 1.31
C ARG B 453 -7.57 -10.31 1.66
N GLN B 454 -7.23 -11.30 2.50
CA GLN B 454 -8.21 -12.32 2.92
C GLN B 454 -8.60 -12.29 4.39
N LEU B 455 -7.87 -11.55 5.21
CA LEU B 455 -8.13 -11.46 6.64
C LEU B 455 -8.50 -10.03 7.01
N LEU B 456 -9.52 -9.90 7.86
CA LEU B 456 -10.10 -8.60 8.14
C LEU B 456 -9.11 -7.65 8.77
N TYR B 457 -8.27 -8.14 9.68
CA TYR B 457 -7.35 -7.22 10.33
C TYR B 457 -6.38 -6.60 9.34
N GLN B 458 -6.03 -7.33 8.28
CA GLN B 458 -5.18 -6.75 7.26
C GLN B 458 -5.88 -5.68 6.42
N ILE B 459 -7.20 -5.82 6.25
CA ILE B 459 -7.94 -4.82 5.46
C ILE B 459 -8.09 -3.54 6.23
N THR B 460 -8.39 -3.63 7.52
CA THR B 460 -8.87 -2.48 8.25
C THR B 460 -7.77 -1.51 8.67
N TRP B 461 -6.51 -1.93 8.66
CA TRP B 461 -5.45 -0.95 8.89
C TRP B 461 -4.94 -0.40 7.56
N ASP B 462 -5.62 0.64 7.05
CA ASP B 462 -5.41 1.13 5.68
C ASP B 462 -4.56 2.39 5.73
N GLY B 463 -3.23 2.21 5.79
CA GLY B 463 -2.36 3.32 6.11
C GLY B 463 -2.36 4.42 5.05
N LEU B 464 -2.36 4.05 3.76
CA LEU B 464 -2.22 5.10 2.74
C LEU B 464 -3.54 5.86 2.46
N ARG B 465 -4.69 5.18 2.58
CA ARG B 465 -5.98 5.87 2.52
C ARG B 465 -6.15 6.79 3.69
N THR B 466 -5.85 6.33 4.90
CA THR B 466 -5.86 7.18 6.06
C THR B 466 -4.99 8.41 5.78
N GLN B 467 -3.77 8.16 5.30
CA GLN B 467 -2.86 9.22 4.90
C GLN B 467 -3.50 10.14 3.85
N TYR B 468 -4.11 9.57 2.83
CA TYR B 468 -4.66 10.39 1.77
C TYR B 468 -5.73 11.30 2.33
N LEU B 469 -6.64 10.74 3.12
CA LEU B 469 -7.73 11.57 3.65
C LEU B 469 -7.21 12.65 4.60
N THR B 470 -6.27 12.32 5.48
CA THR B 470 -5.77 13.38 6.36
C THR B 470 -4.99 14.43 5.58
N ASP B 471 -4.11 14.00 4.66
CA ASP B 471 -3.38 14.97 3.84
C ASP B 471 -4.34 15.94 3.16
N TYR B 472 -5.38 15.45 2.52
CA TYR B 472 -6.28 16.32 1.78
C TYR B 472 -7.07 17.26 2.71
N LEU B 473 -7.64 16.72 3.79
CA LEU B 473 -8.36 17.56 4.73
C LEU B 473 -7.47 18.64 5.30
N SER B 474 -6.22 18.29 5.62
CA SER B 474 -5.29 19.27 6.15
C SER B 474 -5.11 20.42 5.17
N GLN B 475 -4.96 20.12 3.87
CA GLN B 475 -4.83 21.18 2.87
C GLN B 475 -6.11 21.98 2.68
N LEU B 476 -7.26 21.32 2.82
CA LEU B 476 -8.51 22.04 2.77
C LEU B 476 -8.57 23.01 3.93
N LEU B 477 -8.18 22.54 5.11
CA LEU B 477 -8.18 23.38 6.30
C LEU B 477 -7.22 24.55 6.14
N LEU B 478 -6.02 24.29 5.59
CA LEU B 478 -5.08 25.37 5.31
C LEU B 478 -5.58 26.30 4.20
N ALA B 479 -6.33 25.75 3.23
CA ALA B 479 -6.89 26.61 2.19
C ALA B 479 -7.85 27.65 2.74
N VAL B 480 -8.64 27.31 3.75
CA VAL B 480 -9.54 28.32 4.30
C VAL B 480 -8.75 29.42 5.02
N HIS B 481 -7.83 29.07 5.92
CA HIS B 481 -7.18 30.08 6.77
C HIS B 481 -6.04 30.82 6.06
N LYS B 482 -5.27 30.15 5.21
CA LYS B 482 -4.16 30.86 4.59
C LYS B 482 -4.58 31.55 3.31
N ASP B 483 -5.51 30.98 2.57
CA ASP B 483 -5.90 31.53 1.29
C ASP B 483 -7.28 32.17 1.31
N GLY B 484 -7.98 32.08 2.43
CA GLY B 484 -9.30 32.67 2.55
C GLY B 484 -10.34 32.08 1.63
N ILE B 485 -10.12 30.84 1.17
CA ILE B 485 -11.07 30.18 0.26
C ILE B 485 -12.41 29.97 0.93
N ASN B 486 -13.49 30.30 0.24
CA ASN B 486 -14.82 30.03 0.78
C ASN B 486 -15.21 28.59 0.55
N LEU B 487 -14.59 27.71 1.30
CA LEU B 487 -14.80 26.28 1.10
C LEU B 487 -15.99 25.85 1.97
N ARG B 488 -17.01 25.27 1.35
CA ARG B 488 -18.24 24.95 2.08
C ARG B 488 -18.28 23.55 2.68
N GLY B 489 -17.46 22.60 2.22
CA GLY B 489 -17.47 21.28 2.85
C GLY B 489 -16.48 20.32 2.24
N ALA B 490 -16.38 19.16 2.88
CA ALA B 490 -15.46 18.10 2.45
C ALA B 490 -16.21 16.79 2.54
N LEU B 491 -16.39 16.14 1.38
CA LEU B 491 -17.11 14.88 1.21
C LEU B 491 -16.19 13.81 0.65
N THR B 492 -16.02 12.71 1.39
CA THR B 492 -15.11 11.65 1.00
C THR B 492 -15.81 10.58 0.15
N TRP B 493 -15.18 10.18 -0.95
CA TRP B 493 -15.64 9.02 -1.70
C TRP B 493 -14.82 7.80 -1.29
N SER B 494 -15.41 6.82 -0.58
CA SER B 494 -16.81 6.71 -0.20
C SER B 494 -16.88 6.19 1.22
N PHE B 495 -18.09 6.09 1.75
CA PHE B 495 -18.27 5.52 3.09
C PHE B 495 -18.27 4.01 3.14
N VAL B 496 -18.50 3.34 2.02
CA VAL B 496 -18.48 1.88 1.95
C VAL B 496 -17.78 1.47 0.66
N ASP B 497 -17.20 0.29 0.61
CA ASP B 497 -16.66 -0.18 -0.63
C ASP B 497 -17.87 -0.37 -1.54
N ASN B 498 -17.93 0.30 -2.68
CA ASN B 498 -19.10 0.17 -3.53
C ASN B 498 -18.94 -0.48 -4.88
N TRP B 499 -19.70 -0.05 -5.85
CA TRP B 499 -19.62 -0.66 -7.12
C TRP B 499 -19.07 0.36 -7.94
N GLU B 500 -17.86 0.14 -8.40
CA GLU B 500 -17.24 1.08 -9.25
C GLU B 500 -17.48 0.49 -10.55
N TRP B 501 -18.09 1.34 -11.32
CA TRP B 501 -18.53 1.17 -12.64
C TRP B 501 -18.08 -0.10 -13.27
N GLY B 502 -17.21 0.03 -14.23
CA GLY B 502 -16.60 -1.10 -14.91
C GLY B 502 -15.72 -1.99 -14.06
N LEU B 503 -15.20 -1.48 -12.95
CA LEU B 503 -14.38 -2.33 -12.12
C LEU B 503 -15.22 -3.15 -11.18
N GLY B 504 -16.50 -2.84 -11.07
CA GLY B 504 -17.39 -3.54 -10.19
C GLY B 504 -16.92 -3.40 -8.76
N MET B 505 -17.22 -4.41 -7.95
CA MET B 505 -16.87 -4.40 -6.53
C MET B 505 -15.41 -4.70 -6.27
N GLN B 506 -14.60 -4.94 -7.31
CA GLN B 506 -13.19 -5.23 -7.08
C GLN B 506 -12.46 -4.03 -6.46
N GLN B 507 -12.74 -2.81 -6.90
CA GLN B 507 -12.03 -1.65 -6.40
C GLN B 507 -12.62 -1.14 -5.09
N LYS B 508 -11.75 -0.88 -4.11
CA LYS B 508 -12.16 -0.58 -2.74
C LYS B 508 -11.91 0.89 -2.43
N PHE B 509 -13.00 1.68 -2.40
CA PHE B 509 -12.90 3.10 -2.04
C PHE B 509 -13.47 3.44 -0.67
N GLY B 510 -14.00 2.47 0.06
CA GLY B 510 -14.71 2.80 1.29
C GLY B 510 -13.75 3.06 2.43
N PHE B 511 -14.16 3.90 3.36
CA PHE B 511 -13.50 3.84 4.66
C PHE B 511 -14.19 2.89 5.62
N GLN B 512 -15.21 2.18 5.15
CA GLN B 512 -15.70 0.98 5.79
C GLN B 512 -15.56 -0.12 4.74
N PHE B 513 -15.18 -1.31 5.20
CA PHE B 513 -15.13 -2.48 4.35
C PHE B 513 -16.50 -3.10 4.28
N VAL B 514 -16.92 -3.51 3.10
CA VAL B 514 -18.17 -4.25 2.98
C VAL B 514 -17.80 -5.66 2.56
N ASN B 515 -18.17 -6.62 3.40
CA ASN B 515 -17.75 -7.99 3.19
C ASN B 515 -18.73 -8.55 2.17
N GLN B 516 -18.40 -8.43 0.92
CA GLN B 516 -19.27 -8.88 -0.11
C GLN B 516 -19.35 -10.36 -0.16
N SER B 517 -18.72 -11.00 0.78
CA SER B 517 -18.71 -12.48 0.85
C SER B 517 -19.58 -12.86 2.00
N ASP B 518 -20.62 -12.09 2.22
CA ASP B 518 -21.57 -12.30 3.32
C ASP B 518 -22.99 -12.25 2.77
N PRO B 519 -23.95 -12.86 3.45
CA PRO B 519 -25.31 -12.76 2.99
C PRO B 519 -25.86 -11.43 3.49
N ASP B 520 -25.22 -10.86 4.49
CA ASP B 520 -25.63 -9.61 5.13
C ASP B 520 -24.80 -8.40 4.71
N LEU B 521 -23.74 -8.62 3.95
CA LEU B 521 -22.86 -7.53 3.55
C LEU B 521 -22.56 -6.72 4.79
N THR B 522 -21.95 -7.37 5.79
CA THR B 522 -21.64 -6.70 7.05
C THR B 522 -20.56 -5.63 6.86
N ARG B 523 -20.80 -4.45 7.41
CA ARG B 523 -19.81 -3.38 7.42
C ARG B 523 -18.89 -3.45 8.65
N THR B 524 -17.59 -3.19 8.42
CA THR B 524 -16.58 -2.99 9.48
C THR B 524 -15.78 -1.72 9.17
N PHE B 525 -15.56 -0.90 10.21
CA PHE B 525 -14.76 0.31 10.13
C PHE B 525 -13.29 0.05 9.79
N LYS B 526 -12.75 0.83 8.82
CA LYS B 526 -11.31 0.89 8.60
C LYS B 526 -10.69 2.02 9.44
N LEU B 527 -9.35 2.02 9.49
CA LEU B 527 -8.64 3.09 10.21
C LEU B 527 -8.94 4.45 9.61
N SER B 528 -9.07 4.53 8.28
CA SER B 528 -9.36 5.83 7.68
C SER B 528 -10.70 6.35 8.15
N ALA B 529 -11.66 5.46 8.44
CA ALA B 529 -12.95 5.92 8.95
C ALA B 529 -12.77 6.63 10.28
N HIS B 530 -11.92 6.11 11.13
CA HIS B 530 -11.69 6.76 12.41
C HIS B 530 -10.84 8.01 12.23
N ALA B 531 -9.93 7.98 11.26
CA ALA B 531 -9.15 9.17 10.89
C ALA B 531 -10.05 10.28 10.41
N TYR B 532 -11.04 9.95 9.57
CA TYR B 532 -12.01 10.96 9.16
C TYR B 532 -12.74 11.47 10.40
N ALA B 533 -13.17 10.55 11.26
CA ALA B 533 -13.87 10.88 12.49
C ALA B 533 -13.01 11.75 13.42
N GLN B 534 -11.73 11.37 13.61
CA GLN B 534 -10.81 12.11 14.48
C GLN B 534 -10.57 13.54 14.01
N PHE B 535 -10.37 13.73 12.71
CA PHE B 535 -10.19 15.06 12.14
C PHE B 535 -11.41 15.94 12.40
N GLY B 536 -12.62 15.39 12.26
CA GLY B 536 -13.82 16.13 12.61
C GLY B 536 -13.82 16.59 14.05
N ARG B 537 -13.46 15.70 14.98
CA ARG B 537 -13.42 16.13 16.37
C ARG B 537 -12.41 17.24 16.57
N ASN B 538 -11.28 17.14 15.90
CA ASN B 538 -10.24 18.13 16.12
C ASN B 538 -10.52 19.44 15.42
N HIS B 539 -11.25 19.45 14.30
CA HIS B 539 -11.25 20.65 13.48
C HIS B 539 -12.64 21.14 13.07
N LEU B 540 -13.69 20.52 13.59
CA LEU B 540 -15.05 20.91 13.26
C LEU B 540 -15.67 21.72 14.40
N HIS B 541 -16.84 22.31 14.13
CA HIS B 541 -17.54 23.12 15.13
C HIS B 541 -18.54 22.27 15.91
N HIS B 542 -19.49 21.68 15.20
CA HIS B 542 -20.51 20.84 15.83
C HIS B 542 -21.56 21.70 16.54
#